data_8C3I
#
_entry.id   8C3I
#
_cell.length_a   54.950
_cell.length_b   116.500
_cell.length_c   117.700
_cell.angle_alpha   90.00
_cell.angle_beta   90.00
_cell.angle_gamma   90.00
#
_symmetry.space_group_name_H-M   'P 21 21 21'
#
loop_
_entity.id
_entity.type
_entity.pdbx_description
1 polymer Bacteriophytochrome
2 non-polymer '3-[2-[(Z)-[3-(2-carboxyethyl)-5-[(Z)-(4-ethenyl-3-methyl-5-oxidanylidene-pyrrol-2-ylidene)methyl]-4-methyl-pyrrol-1-ium -2-ylidene]methyl]-5-[(Z)-[(3E)-3-ethylidene-4-methyl-5-oxidanylidene-pyrrolidin-2-ylidene]methyl]-4-methyl-1H-pyrrol-3- yl]propanoic acid'
3 water water
#
_entity_poly.entity_id   1
_entity_poly.type   'polypeptide(L)'
_entity_poly.pdbx_seq_one_letter_code
;MASMTGGQQMGRGSMSRDPLPFFPPLYLGGPEITTENCEREPIHIPGSIQPHGALLTADGHSGEVLQMSLNAATFLGQEP
TVLRGQTLAALLPEQWPALQAALPPGCPDALQYRATLDWPAAGHLSLTVHRVGELLILEFEPTEAWDSTGPHALRNAMFA
LESAPNLRALAEVATQTVRELTGFDRVMLYKFAPDATGEVIAEARREGLHAFLGHRFPASDIPAQARALYTRHLLRLTAD
TRAAAVPLDPVLNPQTNAPTPLGGAVLRATSPMHMQYLRNMGVGSSLSVSVVVGGQLWGLIACHHQTPYVLPPDLRTTLE
YLGRLLSLQVQVKEALEHHHHHH
;
_entity_poly.pdbx_strand_id   B,A
#
loop_
_chem_comp.id
_chem_comp.type
_chem_comp.name
_chem_comp.formula
LBV non-polymer '3-[2-[(Z)-[3-(2-carboxyethyl)-5-[(Z)-(4-ethenyl-3-methyl-5-oxidanylidene-pyrrol-2-ylidene)methyl]-4-methyl-pyrrol-1-ium -2-ylidene]methyl]-5-[(Z)-[(3E)-3-ethylidene-4-methyl-5-oxidanylidene-pyrrolidin-2-ylidene]methyl]-4-methyl-1H-pyrrol-3- yl]propanoic acid' 'C33 H37 N4 O6 1'
#
# COMPACT_ATOMS: atom_id res chain seq x y z
N ASP A 18 -28.70 8.95 -23.91
CA ASP A 18 -28.40 10.40 -23.97
C ASP A 18 -28.02 10.89 -22.57
N PRO A 19 -27.07 11.83 -22.44
CA PRO A 19 -26.69 12.37 -21.13
C PRO A 19 -27.80 13.27 -20.60
N LEU A 20 -28.32 12.96 -19.40
CA LEU A 20 -29.46 13.72 -18.83
C LEU A 20 -29.26 13.87 -17.32
N PRO A 21 -29.74 14.95 -16.68
CA PRO A 21 -29.47 15.18 -15.26
C PRO A 21 -30.26 14.22 -14.37
N PHE A 22 -29.84 14.17 -13.09
CA PHE A 22 -30.42 13.23 -12.13
C PHE A 22 -31.90 13.50 -11.89
N PHE A 23 -32.66 12.43 -11.71
CA PHE A 23 -33.96 12.54 -11.08
C PHE A 23 -33.80 12.89 -9.60
N PRO A 24 -34.77 13.58 -9.01
CA PRO A 24 -34.88 13.58 -7.56
C PRO A 24 -34.98 12.15 -7.05
N PRO A 25 -34.44 11.87 -5.86
CA PRO A 25 -34.61 10.54 -5.28
C PRO A 25 -36.07 10.24 -5.01
N LEU A 26 -36.34 8.95 -4.77
CA LEU A 26 -37.70 8.47 -4.51
C LEU A 26 -38.38 9.22 -3.37
N TYR A 27 -37.66 9.40 -2.26
CA TYR A 27 -38.23 10.06 -1.09
C TYR A 27 -38.49 11.55 -1.30
N LEU A 28 -38.08 12.13 -2.43
CA LEU A 28 -38.49 13.48 -2.79
C LEU A 28 -39.45 13.47 -3.96
N GLY A 29 -40.16 12.36 -4.16
CA GLY A 29 -41.17 12.28 -5.21
C GLY A 29 -40.65 12.00 -6.59
N GLY A 30 -39.39 11.61 -6.73
CA GLY A 30 -38.85 11.28 -8.03
C GLY A 30 -39.46 10.01 -8.58
N PRO A 31 -39.30 9.78 -9.88
CA PRO A 31 -39.88 8.60 -10.51
C PRO A 31 -39.16 7.31 -10.15
N GLU A 32 -39.87 6.21 -10.32
CA GLU A 32 -39.26 4.89 -10.22
C GLU A 32 -38.31 4.67 -11.40
N ILE A 33 -37.24 3.92 -11.16
CA ILE A 33 -36.18 3.71 -12.14
C ILE A 33 -36.51 2.48 -12.99
N THR A 34 -36.45 2.65 -14.31
CA THR A 34 -36.61 1.56 -15.27
C THR A 34 -35.35 1.44 -16.11
N THR A 35 -35.32 0.41 -16.98
CA THR A 35 -34.20 0.28 -17.91
C THR A 35 -34.13 1.43 -18.90
N GLU A 36 -35.14 2.30 -18.93
CA GLU A 36 -35.17 3.42 -19.86
C GLU A 36 -34.48 4.66 -19.30
N ASN A 37 -34.48 4.83 -17.97
CA ASN A 37 -33.91 6.03 -17.35
C ASN A 37 -32.79 5.72 -16.35
N CYS A 38 -32.15 4.56 -16.52
CA CYS A 38 -31.05 4.11 -15.62
C CYS A 38 -30.08 5.24 -15.28
N GLU A 39 -29.52 5.86 -16.30
CA GLU A 39 -28.45 6.86 -16.08
C GLU A 39 -28.90 8.03 -15.21
N ARG A 40 -30.20 8.16 -14.99
CA ARG A 40 -30.64 9.30 -14.19
C ARG A 40 -30.88 8.95 -12.72
N GLU A 41 -30.62 7.71 -12.29
CA GLU A 41 -30.83 7.37 -10.87
C GLU A 41 -29.80 8.08 -10.01
N PRO A 42 -30.21 8.88 -8.99
CA PRO A 42 -29.22 9.59 -8.18
C PRO A 42 -28.63 8.66 -7.11
N ILE A 43 -27.72 7.77 -7.54
CA ILE A 43 -27.28 6.68 -6.66
C ILE A 43 -26.49 7.19 -5.47
N HIS A 44 -25.99 8.42 -5.53
CA HIS A 44 -25.20 8.96 -4.42
C HIS A 44 -26.05 9.48 -3.27
N ILE A 45 -27.38 9.58 -3.42
CA ILE A 45 -28.17 10.12 -2.31
C ILE A 45 -29.34 9.19 -2.01
N PRO A 46 -29.13 7.91 -1.68
CA PRO A 46 -30.27 7.00 -1.44
C PRO A 46 -30.96 7.21 -0.09
N GLY A 47 -30.41 8.02 0.82
CA GLY A 47 -31.11 8.24 2.07
C GLY A 47 -31.07 7.06 3.01
N SER A 48 -30.17 6.11 2.79
CA SER A 48 -30.20 4.86 3.54
C SER A 48 -28.85 4.15 3.38
N ILE A 49 -28.62 3.16 4.23
CA ILE A 49 -27.36 2.46 4.28
C ILE A 49 -27.63 0.95 4.36
N GLN A 50 -26.54 0.17 4.16
CA GLN A 50 -26.59 -1.27 4.32
C GLN A 50 -26.56 -1.64 5.81
N PRO A 51 -27.23 -2.72 6.19
CA PRO A 51 -27.47 -2.97 7.63
C PRO A 51 -26.28 -3.52 8.42
N HIS A 52 -25.11 -3.77 7.83
CA HIS A 52 -24.00 -4.36 8.59
C HIS A 52 -23.14 -3.30 9.26
N GLY A 53 -23.53 -2.03 9.20
CA GLY A 53 -22.87 -0.98 9.97
C GLY A 53 -23.89 0.09 10.32
N ALA A 54 -23.41 1.15 10.93
CA ALA A 54 -24.24 2.27 11.33
C ALA A 54 -23.55 3.56 10.89
N LEU A 55 -24.34 4.60 10.70
CA LEU A 55 -23.87 5.87 10.19
C LEU A 55 -24.50 7.01 10.98
N LEU A 56 -23.67 8.00 11.35
CA LEU A 56 -24.08 9.28 11.93
C LEU A 56 -23.59 10.39 11.02
N THR A 57 -24.33 11.50 10.99
CA THR A 57 -23.80 12.74 10.44
C THR A 57 -23.74 13.78 11.54
N ALA A 58 -22.79 14.70 11.42
CA ALA A 58 -22.61 15.69 12.46
C ALA A 58 -22.16 17.00 11.86
N ASP A 59 -22.47 18.10 12.55
CA ASP A 59 -22.04 19.41 12.09
C ASP A 59 -20.52 19.52 12.18
N GLY A 60 -19.90 19.96 11.09
CA GLY A 60 -18.44 20.00 10.99
C GLY A 60 -17.75 20.91 12.01
N HIS A 61 -18.43 21.95 12.51
CA HIS A 61 -17.80 22.85 13.49
C HIS A 61 -18.26 22.60 14.91
N SER A 62 -19.57 22.46 15.13
CA SER A 62 -20.06 22.25 16.49
C SER A 62 -19.98 20.79 16.94
N GLY A 63 -19.93 19.83 16.01
CA GLY A 63 -20.03 18.44 16.42
C GLY A 63 -21.41 17.97 16.83
N GLU A 64 -22.45 18.78 16.65
CA GLU A 64 -23.80 18.33 16.96
C GLU A 64 -24.18 17.18 16.03
N VAL A 65 -24.72 16.10 16.59
CA VAL A 65 -25.14 14.94 15.81
C VAL A 65 -26.50 15.26 15.18
N LEU A 66 -26.61 15.04 13.86
CA LEU A 66 -27.80 15.45 13.12
C LEU A 66 -28.62 14.26 12.64
N GLN A 67 -28.05 13.39 11.82
CA GLN A 67 -28.78 12.22 11.32
C GLN A 67 -28.11 10.96 11.84
N MET A 68 -28.91 9.90 11.93
CA MET A 68 -28.37 8.60 12.24
C MET A 68 -29.17 7.53 11.52
N SER A 69 -28.49 6.48 11.12
CA SER A 69 -29.26 5.38 10.54
C SER A 69 -30.15 4.79 11.62
N LEU A 70 -31.28 4.18 11.20
CA LEU A 70 -32.27 3.71 12.18
C LEU A 70 -31.74 2.61 13.09
N ASN A 71 -30.68 1.91 12.69
CA ASN A 71 -30.11 0.83 13.48
C ASN A 71 -28.98 1.29 14.40
N ALA A 72 -28.72 2.59 14.50
CA ALA A 72 -27.54 3.05 15.23
C ALA A 72 -27.54 2.60 16.69
N ALA A 73 -28.70 2.47 17.32
CA ALA A 73 -28.74 2.04 18.73
C ALA A 73 -28.18 0.64 18.90
N THR A 74 -28.52 -0.27 17.98
CA THR A 74 -27.98 -1.62 18.01
C THR A 74 -26.46 -1.64 17.99
N PHE A 75 -25.85 -0.73 17.24
CA PHE A 75 -24.40 -0.73 17.10
C PHE A 75 -23.71 0.05 18.20
N LEU A 76 -24.31 1.16 18.62
CA LEU A 76 -23.65 2.02 19.59
C LEU A 76 -24.14 1.81 21.02
N GLY A 77 -25.19 1.02 21.22
CA GLY A 77 -25.72 0.78 22.55
C GLY A 77 -26.19 2.01 23.28
N GLN A 78 -26.86 2.93 22.58
CA GLN A 78 -27.37 4.16 23.17
C GLN A 78 -28.75 4.46 22.64
N GLU A 79 -29.54 5.14 23.44
CA GLU A 79 -30.84 5.62 22.98
C GLU A 79 -30.64 6.68 21.90
N PRO A 80 -31.48 6.66 20.85
CA PRO A 80 -31.34 7.68 19.79
C PRO A 80 -31.42 9.11 20.32
N THR A 81 -32.41 9.41 21.18
CA THR A 81 -32.51 10.74 21.76
C THR A 81 -31.29 11.08 22.60
N VAL A 82 -30.63 10.07 23.16
CA VAL A 82 -29.40 10.31 23.92
C VAL A 82 -28.24 10.63 22.98
N LEU A 83 -28.11 9.86 21.91
CA LEU A 83 -27.05 10.13 20.93
C LEU A 83 -27.19 11.53 20.35
N ARG A 84 -28.40 11.87 19.90
CA ARG A 84 -28.61 13.13 19.20
C ARG A 84 -28.47 14.32 20.14
N GLY A 85 -28.64 14.13 21.44
CA GLY A 85 -28.51 15.17 22.43
C GLY A 85 -27.10 15.44 22.90
N GLN A 86 -26.08 14.91 22.22
CA GLN A 86 -24.70 15.11 22.60
C GLN A 86 -23.86 15.49 21.39
N THR A 87 -22.75 16.18 21.62
CA THR A 87 -21.81 16.48 20.55
C THR A 87 -20.75 15.39 20.42
N LEU A 88 -20.11 15.34 19.24
CA LEU A 88 -18.99 14.42 19.04
C LEU A 88 -17.89 14.61 20.09
N ALA A 89 -17.71 15.85 20.57
CA ALA A 89 -16.70 16.09 21.60
C ALA A 89 -16.98 15.27 22.87
N ALA A 90 -18.25 15.06 23.19
CA ALA A 90 -18.61 14.24 24.34
C ALA A 90 -18.68 12.78 23.98
N LEU A 91 -19.12 12.46 22.77
N LEU A 91 -19.11 12.45 22.77
CA LEU A 91 -19.26 11.06 22.39
CA LEU A 91 -19.26 11.05 22.41
C LEU A 91 -17.91 10.41 22.09
C LEU A 91 -17.92 10.40 22.06
N LEU A 92 -16.99 11.14 21.46
CA LEU A 92 -15.70 10.60 21.04
C LEU A 92 -14.57 11.51 21.52
N PRO A 93 -14.37 11.59 22.85
CA PRO A 93 -13.48 12.65 23.40
C PRO A 93 -12.04 12.59 22.89
N GLU A 94 -11.50 11.40 22.67
CA GLU A 94 -10.14 11.25 22.16
C GLU A 94 -10.05 11.35 20.64
N GLN A 95 -11.12 10.99 19.92
CA GLN A 95 -11.09 11.05 18.47
C GLN A 95 -11.44 12.43 17.93
N TRP A 96 -12.26 13.17 18.65
CA TRP A 96 -12.78 14.43 18.12
C TRP A 96 -11.67 15.40 17.72
N PRO A 97 -10.63 15.65 18.54
CA PRO A 97 -9.53 16.52 18.07
C PRO A 97 -8.77 15.94 16.88
N ALA A 98 -8.61 14.62 16.83
CA ALA A 98 -7.95 13.99 15.68
C ALA A 98 -8.77 14.18 14.40
N LEU A 99 -10.10 14.01 14.48
CA LEU A 99 -10.99 14.29 13.34
C LEU A 99 -10.82 15.70 12.80
N GLN A 100 -10.84 16.70 13.70
N GLN A 100 -10.83 16.70 13.69
CA GLN A 100 -10.74 18.09 13.29
CA GLN A 100 -10.76 18.09 13.23
C GLN A 100 -9.43 18.37 12.58
C GLN A 100 -9.42 18.42 12.60
N ALA A 101 -8.34 17.79 13.06
CA ALA A 101 -7.03 18.01 12.45
C ALA A 101 -6.93 17.32 11.09
N ALA A 102 -7.44 16.08 10.99
CA ALA A 102 -7.28 15.27 9.78
C ALA A 102 -8.17 15.72 8.64
N LEU A 103 -9.34 16.29 8.95
CA LEU A 103 -10.34 16.63 7.96
C LEU A 103 -10.70 18.12 8.07
N PRO A 104 -9.76 19.01 7.71
CA PRO A 104 -9.99 20.44 7.92
C PRO A 104 -11.08 20.94 6.99
N PRO A 105 -11.74 22.06 7.35
CA PRO A 105 -12.74 22.64 6.45
C PRO A 105 -12.18 22.87 5.06
N GLY A 106 -13.03 22.70 4.05
CA GLY A 106 -12.62 22.88 2.68
C GLY A 106 -11.94 21.69 2.04
N CYS A 107 -11.62 20.65 2.81
CA CYS A 107 -10.93 19.49 2.27
C CYS A 107 -11.85 18.68 1.33
N PRO A 108 -11.27 17.88 0.44
CA PRO A 108 -12.08 17.09 -0.50
C PRO A 108 -12.88 16.00 0.19
N ASP A 109 -14.04 15.67 -0.41
CA ASP A 109 -14.85 14.59 0.16
C ASP A 109 -14.20 13.22 -0.01
N ALA A 110 -13.14 13.10 -0.82
CA ALA A 110 -12.48 11.81 -0.98
C ALA A 110 -11.55 11.47 0.19
N LEU A 111 -11.11 12.47 0.94
CA LEU A 111 -10.20 12.27 2.05
C LEU A 111 -10.91 11.54 3.19
N GLN A 112 -10.33 10.43 3.65
CA GLN A 112 -10.91 9.64 4.73
C GLN A 112 -9.94 9.53 5.88
N TYR A 113 -10.47 9.56 7.11
CA TYR A 113 -9.72 9.27 8.32
C TYR A 113 -10.32 8.03 8.97
N ARG A 114 -9.46 7.10 9.40
CA ARG A 114 -9.90 5.82 9.95
C ARG A 114 -9.27 5.64 11.32
N ALA A 115 -10.06 5.15 12.28
CA ALA A 115 -9.58 4.78 13.60
C ALA A 115 -10.31 3.53 14.07
N THR A 116 -9.79 2.93 15.12
CA THR A 116 -10.43 1.80 15.78
C THR A 116 -10.83 2.23 17.18
N LEU A 117 -12.07 1.95 17.57
CA LEU A 117 -12.58 2.29 18.89
C LEU A 117 -12.83 1.01 19.68
N ASP A 118 -12.59 1.08 20.99
CA ASP A 118 -13.07 0.06 21.93
C ASP A 118 -14.40 0.53 22.49
N TRP A 119 -15.49 -0.03 21.96
CA TRP A 119 -16.86 0.36 22.40
C TRP A 119 -17.43 -0.74 23.29
N PRO A 120 -17.84 -0.45 24.54
CA PRO A 120 -18.29 -1.50 25.46
C PRO A 120 -19.33 -2.49 24.94
N ALA A 121 -20.41 -1.98 24.34
CA ALA A 121 -21.51 -2.87 23.98
C ALA A 121 -21.27 -3.65 22.69
N ALA A 122 -20.30 -3.24 21.85
CA ALA A 122 -20.13 -3.83 20.53
C ALA A 122 -18.69 -4.21 20.19
N GLY A 123 -17.78 -4.24 21.18
CA GLY A 123 -16.43 -4.66 20.88
C GLY A 123 -15.65 -3.60 20.09
N HIS A 124 -14.68 -4.05 19.31
CA HIS A 124 -13.88 -3.15 18.48
C HIS A 124 -14.68 -2.71 17.27
N LEU A 125 -14.86 -1.40 17.13
CA LEU A 125 -15.53 -0.80 15.98
C LEU A 125 -14.49 -0.08 15.15
N SER A 126 -14.60 -0.24 13.83
CA SER A 126 -13.84 0.60 12.92
C SER A 126 -14.65 1.87 12.64
N LEU A 127 -14.01 3.02 12.83
CA LEU A 127 -14.62 4.33 12.56
C LEU A 127 -13.97 4.91 11.31
N THR A 128 -14.77 5.22 10.28
CA THR A 128 -14.29 5.89 9.08
C THR A 128 -15.05 7.20 8.95
N VAL A 129 -14.33 8.29 8.69
CA VAL A 129 -14.92 9.62 8.67
C VAL A 129 -14.46 10.36 7.42
N HIS A 130 -15.38 11.08 6.78
CA HIS A 130 -15.01 12.06 5.77
C HIS A 130 -15.94 13.24 5.92
N ARG A 131 -15.62 14.31 5.18
CA ARG A 131 -16.32 15.58 5.30
C ARG A 131 -16.88 15.95 3.96
N VAL A 132 -18.15 16.34 3.93
CA VAL A 132 -18.78 16.87 2.72
C VAL A 132 -19.31 18.25 3.11
N GLY A 133 -18.62 19.30 2.69
CA GLY A 133 -19.03 20.64 3.06
C GLY A 133 -18.94 20.87 4.55
N GLU A 134 -20.05 21.20 5.19
CA GLU A 134 -20.07 21.43 6.63
C GLU A 134 -20.55 20.20 7.41
N LEU A 135 -20.63 19.06 6.74
CA LEU A 135 -21.10 17.82 7.33
C LEU A 135 -19.95 16.83 7.48
N LEU A 136 -19.85 16.21 8.66
CA LEU A 136 -18.98 15.06 8.88
C LEU A 136 -19.85 13.83 8.76
N ILE A 137 -19.33 12.79 8.11
CA ILE A 137 -20.05 11.55 7.95
C ILE A 137 -19.23 10.45 8.63
N LEU A 138 -19.84 9.78 9.61
CA LEU A 138 -19.16 8.81 10.46
C LEU A 138 -19.74 7.43 10.22
N GLU A 139 -18.89 6.48 9.85
CA GLU A 139 -19.29 5.12 9.59
C GLU A 139 -18.69 4.20 10.64
N PHE A 140 -19.51 3.34 11.22
CA PHE A 140 -19.10 2.41 12.26
C PHE A 140 -19.36 1.01 11.75
N GLU A 141 -18.35 0.14 11.84
CA GLU A 141 -18.46 -1.24 11.45
C GLU A 141 -17.71 -2.09 12.46
N PRO A 142 -18.20 -3.30 12.76
CA PRO A 142 -17.42 -4.25 13.56
C PRO A 142 -16.12 -4.58 12.85
N THR A 143 -15.06 -4.71 13.63
CA THR A 143 -13.76 -5.09 13.09
C THR A 143 -13.16 -6.22 13.92
N GLU A 144 -12.18 -6.90 13.35
CA GLU A 144 -11.55 -8.05 14.01
C GLU A 144 -10.11 -8.28 13.55
N PRO A 151 0.35 -12.79 7.05
CA PRO A 151 1.22 -11.86 7.78
C PRO A 151 1.97 -10.92 6.82
N HIS A 152 2.67 -11.51 5.85
CA HIS A 152 3.43 -10.77 4.83
C HIS A 152 2.81 -10.92 3.45
N ALA A 153 1.53 -11.29 3.39
CA ALA A 153 0.92 -11.62 2.10
C ALA A 153 0.88 -10.41 1.18
N LEU A 154 0.67 -9.22 1.75
CA LEU A 154 0.61 -8.01 0.94
C LEU A 154 1.98 -7.66 0.35
N ARG A 155 3.04 -7.73 1.16
CA ARG A 155 4.38 -7.46 0.63
C ARG A 155 4.74 -8.47 -0.46
N ASN A 156 4.46 -9.75 -0.22
CA ASN A 156 4.82 -10.74 -1.23
C ASN A 156 4.06 -10.49 -2.52
N ALA A 157 2.80 -10.04 -2.40
CA ALA A 157 2.01 -9.75 -3.59
C ALA A 157 2.54 -8.52 -4.31
N MET A 158 2.95 -7.49 -3.57
CA MET A 158 3.51 -6.31 -4.21
C MET A 158 4.66 -6.67 -5.14
N PHE A 159 5.63 -7.44 -4.66
CA PHE A 159 6.79 -7.79 -5.46
C PHE A 159 6.40 -8.70 -6.62
N ALA A 160 5.48 -9.64 -6.40
CA ALA A 160 5.04 -10.54 -7.47
C ALA A 160 4.36 -9.77 -8.58
N LEU A 161 3.57 -8.75 -8.23
CA LEU A 161 2.92 -7.92 -9.25
C LEU A 161 3.93 -7.16 -10.08
N GLU A 162 4.96 -6.63 -9.42
CA GLU A 162 5.95 -5.81 -10.12
C GLU A 162 6.82 -6.66 -11.04
N SER A 163 7.02 -7.94 -10.69
CA SER A 163 7.81 -8.86 -11.50
C SER A 163 7.01 -9.56 -12.60
N ALA A 164 5.70 -9.43 -12.63
CA ALA A 164 4.92 -10.03 -13.71
C ALA A 164 5.44 -9.51 -15.04
N PRO A 165 5.70 -10.39 -16.03
CA PRO A 165 6.38 -9.93 -17.25
C PRO A 165 5.52 -9.16 -18.24
N ASN A 166 4.18 -9.24 -18.17
CA ASN A 166 3.35 -8.56 -19.15
C ASN A 166 1.97 -8.34 -18.54
N LEU A 167 1.08 -7.71 -19.31
CA LEU A 167 -0.22 -7.30 -18.80
C LEU A 167 -1.07 -8.51 -18.44
N ARG A 168 -1.04 -9.56 -19.27
CA ARG A 168 -1.80 -10.75 -18.96
C ARG A 168 -1.33 -11.40 -17.67
N ALA A 169 -0.02 -11.63 -17.54
CA ALA A 169 0.49 -12.21 -16.29
C ALA A 169 0.12 -11.33 -15.09
N LEU A 170 0.22 -10.01 -15.25
CA LEU A 170 -0.14 -9.10 -14.18
C LEU A 170 -1.59 -9.27 -13.77
N ALA A 171 -2.50 -9.34 -14.76
CA ALA A 171 -3.92 -9.49 -14.48
C ALA A 171 -4.21 -10.81 -13.79
N GLU A 172 -3.48 -11.86 -14.16
CA GLU A 172 -3.70 -13.17 -13.53
C GLU A 172 -3.19 -13.20 -12.09
N VAL A 173 -2.01 -12.64 -11.86
CA VAL A 173 -1.49 -12.62 -10.49
C VAL A 173 -2.42 -11.78 -9.61
N ALA A 174 -2.93 -10.68 -10.14
CA ALA A 174 -3.78 -9.79 -9.36
C ALA A 174 -5.09 -10.47 -8.98
N THR A 175 -5.73 -11.16 -9.93
CA THR A 175 -6.99 -11.82 -9.57
C THR A 175 -6.77 -12.98 -8.59
N GLN A 176 -5.73 -13.80 -8.81
CA GLN A 176 -5.47 -14.92 -7.91
C GLN A 176 -5.08 -14.42 -6.52
N THR A 177 -4.29 -13.37 -6.45
CA THR A 177 -3.92 -12.80 -5.15
C THR A 177 -5.15 -12.34 -4.38
N VAL A 178 -6.01 -11.58 -5.04
CA VAL A 178 -7.22 -11.09 -4.37
C VAL A 178 -8.10 -12.26 -3.92
N ARG A 179 -8.25 -13.29 -4.77
CA ARG A 179 -9.06 -14.43 -4.35
C ARG A 179 -8.43 -15.13 -3.14
N GLU A 180 -7.11 -15.29 -3.11
CA GLU A 180 -6.48 -15.93 -1.95
C GLU A 180 -6.66 -15.11 -0.68
N LEU A 181 -6.63 -13.78 -0.79
CA LEU A 181 -6.74 -12.94 0.39
C LEU A 181 -8.17 -12.87 0.92
N THR A 182 -9.16 -12.99 0.03
CA THR A 182 -10.54 -12.74 0.43
C THR A 182 -11.40 -13.98 0.54
N GLY A 183 -11.06 -15.07 -0.14
CA GLY A 183 -11.95 -16.21 -0.24
C GLY A 183 -13.14 -16.05 -1.16
N PHE A 184 -13.24 -14.95 -1.92
CA PHE A 184 -14.39 -14.72 -2.80
C PHE A 184 -14.50 -15.84 -3.82
N ASP A 185 -15.74 -16.26 -4.11
CA ASP A 185 -15.98 -17.29 -5.12
C ASP A 185 -15.45 -16.92 -6.50
N ARG A 186 -15.54 -15.63 -6.87
CA ARG A 186 -15.10 -15.19 -8.20
C ARG A 186 -14.44 -13.80 -8.12
N VAL A 187 -13.27 -13.67 -8.74
CA VAL A 187 -12.57 -12.39 -8.79
C VAL A 187 -12.23 -12.14 -10.25
N MET A 188 -12.70 -11.02 -10.79
CA MET A 188 -12.46 -10.66 -12.20
C MET A 188 -11.67 -9.37 -12.29
N LEU A 189 -10.87 -9.27 -13.36
CA LEU A 189 -10.38 -7.97 -13.81
C LEU A 189 -11.25 -7.55 -14.99
N TYR A 190 -12.00 -6.47 -14.80
CA TYR A 190 -13.00 -6.01 -15.74
C TYR A 190 -12.46 -4.74 -16.38
N LYS A 191 -12.18 -4.80 -17.68
CA LYS A 191 -11.54 -3.64 -18.36
C LYS A 191 -12.53 -2.89 -19.25
N PHE A 192 -12.50 -1.58 -19.17
CA PHE A 192 -13.37 -0.74 -20.01
C PHE A 192 -12.73 -0.47 -21.37
N ALA A 193 -13.52 -0.57 -22.41
CA ALA A 193 -13.10 -0.15 -23.75
C ALA A 193 -13.38 1.34 -23.93
N PRO A 194 -12.88 1.96 -25.00
CA PRO A 194 -13.15 3.39 -25.22
C PRO A 194 -14.62 3.74 -25.28
N ASP A 195 -15.50 2.84 -25.71
CA ASP A 195 -16.93 3.13 -25.73
C ASP A 195 -17.63 2.76 -24.42
N ALA A 196 -16.87 2.49 -23.34
CA ALA A 196 -17.40 2.11 -22.03
C ALA A 196 -18.01 0.72 -21.98
N THR A 197 -17.96 -0.06 -23.06
CA THR A 197 -18.29 -1.47 -22.86
C THR A 197 -17.19 -2.10 -22.03
N GLY A 198 -17.47 -3.27 -21.44
CA GLY A 198 -16.54 -3.89 -20.54
C GLY A 198 -16.24 -5.31 -20.95
N GLU A 199 -15.10 -5.80 -20.47
CA GLU A 199 -14.69 -7.14 -20.80
C GLU A 199 -13.91 -7.73 -19.65
N VAL A 200 -14.21 -8.99 -19.33
CA VAL A 200 -13.44 -9.72 -18.32
C VAL A 200 -12.16 -10.21 -19.00
N ILE A 201 -11.01 -9.68 -18.59
CA ILE A 201 -9.75 -10.07 -19.23
C ILE A 201 -8.92 -11.02 -18.39
N ALA A 202 -9.36 -11.34 -17.17
CA ALA A 202 -8.70 -12.33 -16.32
C ALA A 202 -9.69 -12.64 -15.20
N GLU A 203 -9.65 -13.88 -14.69
CA GLU A 203 -10.51 -14.19 -13.56
C GLU A 203 -9.97 -15.40 -12.83
N ALA A 204 -10.20 -15.41 -11.52
CA ALA A 204 -9.93 -16.55 -10.66
C ALA A 204 -11.28 -16.98 -10.08
N ARG A 205 -11.59 -18.27 -10.14
CA ARG A 205 -12.94 -18.66 -9.77
C ARG A 205 -12.94 -20.02 -9.10
N ARG A 206 -13.92 -20.18 -8.21
CA ARG A 206 -14.19 -21.43 -7.53
C ARG A 206 -14.47 -22.53 -8.55
N GLU A 207 -13.99 -23.74 -8.26
CA GLU A 207 -14.33 -24.94 -9.04
C GLU A 207 -15.82 -25.04 -9.26
N GLY A 208 -16.22 -25.34 -10.50
CA GLY A 208 -17.61 -25.53 -10.84
C GLY A 208 -18.29 -24.30 -11.41
N LEU A 209 -17.73 -23.12 -11.18
CA LEU A 209 -18.30 -21.90 -11.74
C LEU A 209 -17.94 -21.81 -13.22
N HIS A 210 -18.87 -21.32 -14.03
CA HIS A 210 -18.58 -21.18 -15.45
C HIS A 210 -17.78 -19.91 -15.70
N ALA A 211 -17.00 -19.90 -16.78
CA ALA A 211 -16.08 -18.80 -17.06
C ALA A 211 -16.80 -17.58 -17.61
N PHE A 212 -16.37 -16.38 -17.16
CA PHE A 212 -16.73 -15.15 -17.83
C PHE A 212 -15.57 -14.60 -18.64
N LEU A 213 -14.44 -15.32 -18.66
CA LEU A 213 -13.27 -14.85 -19.37
C LEU A 213 -13.57 -14.64 -20.85
N GLY A 214 -13.22 -13.46 -21.35
CA GLY A 214 -13.42 -13.07 -22.74
C GLY A 214 -14.77 -12.49 -23.04
N HIS A 215 -15.70 -12.58 -22.09
CA HIS A 215 -17.05 -12.08 -22.33
C HIS A 215 -17.07 -10.55 -22.25
N ARG A 216 -17.91 -9.95 -23.08
CA ARG A 216 -18.03 -8.50 -23.13
C ARG A 216 -19.45 -8.11 -22.74
N PHE A 217 -19.60 -6.91 -22.20
CA PHE A 217 -20.87 -6.46 -21.67
C PHE A 217 -21.18 -5.04 -22.11
N PRO A 218 -22.45 -4.70 -22.27
CA PRO A 218 -22.80 -3.34 -22.73
C PRO A 218 -22.42 -2.27 -21.72
N ALA A 219 -22.24 -1.05 -22.24
CA ALA A 219 -21.88 0.10 -21.40
C ALA A 219 -22.94 0.39 -20.36
N SER A 220 -24.20 0.11 -20.69
CA SER A 220 -25.32 0.41 -19.76
C SER A 220 -25.18 -0.37 -18.45
N ASP A 221 -24.51 -1.52 -18.47
CA ASP A 221 -24.48 -2.33 -17.25
C ASP A 221 -23.81 -1.60 -16.08
N ILE A 222 -22.97 -0.62 -16.37
CA ILE A 222 -22.37 0.26 -15.37
C ILE A 222 -22.60 1.67 -15.90
N PRO A 223 -23.74 2.28 -15.61
CA PRO A 223 -24.12 3.52 -16.28
C PRO A 223 -23.18 4.67 -15.93
N ALA A 224 -23.36 5.77 -16.67
CA ALA A 224 -22.38 6.84 -16.70
C ALA A 224 -22.19 7.49 -15.35
N GLN A 225 -23.28 7.64 -14.57
CA GLN A 225 -23.12 8.31 -13.28
C GLN A 225 -22.39 7.41 -12.27
N ALA A 226 -22.51 6.09 -12.43
CA ALA A 226 -21.71 5.17 -11.63
C ALA A 226 -20.24 5.28 -12.00
N ARG A 227 -19.93 5.30 -13.32
CA ARG A 227 -18.53 5.38 -13.74
C ARG A 227 -17.88 6.66 -13.24
N ALA A 228 -18.58 7.79 -13.34
CA ALA A 228 -18.09 9.04 -12.77
C ALA A 228 -17.82 8.91 -11.26
N LEU A 229 -18.81 8.41 -10.52
CA LEU A 229 -18.64 8.20 -9.07
C LEU A 229 -17.42 7.31 -8.78
N TYR A 230 -17.28 6.23 -9.54
CA TYR A 230 -16.22 5.26 -9.30
C TYR A 230 -14.84 5.76 -9.66
N THR A 231 -14.73 6.90 -10.31
CA THR A 231 -13.42 7.49 -10.57
C THR A 231 -12.93 8.30 -9.39
N ARG A 232 -13.82 8.66 -8.46
CA ARG A 232 -13.46 9.45 -7.30
C ARG A 232 -13.39 8.61 -6.02
N HIS A 233 -14.35 7.71 -5.82
CA HIS A 233 -14.43 6.87 -4.63
C HIS A 233 -14.20 5.45 -5.11
N LEU A 234 -13.11 4.85 -4.66
CA LEU A 234 -12.50 3.74 -5.37
C LEU A 234 -12.93 2.36 -4.89
N LEU A 235 -13.86 2.26 -3.94
CA LEU A 235 -14.31 0.95 -3.48
C LEU A 235 -15.78 1.04 -3.10
N ARG A 236 -16.56 0.06 -3.54
CA ARG A 236 -18.00 -0.01 -3.19
C ARG A 236 -18.36 -1.49 -3.05
N LEU A 237 -19.47 -1.80 -2.38
CA LEU A 237 -19.78 -3.19 -2.11
C LEU A 237 -21.26 -3.32 -1.78
N THR A 238 -21.76 -4.54 -1.95
CA THR A 238 -23.09 -4.95 -1.50
C THR A 238 -22.85 -6.23 -0.72
N ALA A 239 -22.99 -6.17 0.59
CA ALA A 239 -22.63 -7.32 1.42
C ALA A 239 -23.69 -8.42 1.35
N ASP A 240 -24.95 -8.07 1.10
CA ASP A 240 -26.03 -9.06 1.02
C ASP A 240 -27.03 -8.50 0.02
N THR A 241 -27.15 -9.14 -1.14
CA THR A 241 -27.98 -8.58 -2.20
C THR A 241 -29.48 -8.77 -1.96
N ARG A 242 -29.89 -9.32 -0.83
CA ARG A 242 -31.30 -9.38 -0.47
C ARG A 242 -31.65 -8.54 0.75
N ALA A 243 -30.68 -7.88 1.38
CA ALA A 243 -30.91 -7.16 2.63
C ALA A 243 -31.61 -5.84 2.34
N ALA A 244 -32.60 -5.51 3.17
CA ALA A 244 -33.26 -4.22 3.02
C ALA A 244 -32.36 -3.09 3.54
N ALA A 245 -32.42 -1.94 2.88
CA ALA A 245 -31.66 -0.79 3.32
C ALA A 245 -32.25 -0.18 4.60
N VAL A 246 -31.40 0.51 5.35
CA VAL A 246 -31.72 1.11 6.65
C VAL A 246 -31.81 2.62 6.45
N PRO A 247 -32.98 3.24 6.59
CA PRO A 247 -33.10 4.69 6.37
C PRO A 247 -32.23 5.51 7.32
N LEU A 248 -31.82 6.69 6.84
CA LEU A 248 -31.31 7.72 7.73
C LEU A 248 -32.48 8.43 8.40
N ASP A 249 -32.25 8.89 9.62
CA ASP A 249 -33.30 9.54 10.42
C ASP A 249 -32.77 10.85 10.99
N PRO A 250 -33.30 12.00 10.60
CA PRO A 250 -34.27 12.24 9.52
C PRO A 250 -33.63 11.97 8.16
N VAL A 251 -34.42 11.88 7.09
CA VAL A 251 -33.81 11.46 5.82
C VAL A 251 -33.03 12.61 5.20
N LEU A 252 -33.50 13.84 5.37
CA LEU A 252 -32.80 15.00 4.82
C LEU A 252 -31.88 15.60 5.88
N ASN A 253 -30.82 16.26 5.42
CA ASN A 253 -29.88 16.96 6.28
C ASN A 253 -30.57 18.18 6.87
N PRO A 254 -30.73 18.27 8.20
CA PRO A 254 -31.36 19.46 8.80
C PRO A 254 -30.64 20.77 8.48
N GLN A 255 -29.31 20.75 8.28
CA GLN A 255 -28.59 21.97 7.88
C GLN A 255 -29.19 22.60 6.64
N THR A 256 -29.59 21.78 5.67
CA THR A 256 -29.91 22.24 4.34
C THR A 256 -31.31 21.91 3.89
N ASN A 257 -32.05 21.12 4.67
N ASN A 257 -32.06 21.11 4.66
CA ASN A 257 -33.31 20.52 4.23
CA ASN A 257 -33.32 20.57 4.17
C ASN A 257 -33.12 19.95 2.83
C ASN A 257 -33.14 19.92 2.81
N ALA A 258 -31.97 19.30 2.59
CA ALA A 258 -31.64 18.70 1.31
C ALA A 258 -30.97 17.32 1.51
N PRO A 259 -30.87 16.50 0.47
CA PRO A 259 -30.35 15.14 0.66
C PRO A 259 -28.91 15.11 1.17
N THR A 260 -28.59 14.05 1.90
CA THR A 260 -27.25 13.89 2.47
C THR A 260 -26.36 13.16 1.45
N PRO A 261 -25.27 13.77 0.97
CA PRO A 261 -24.43 13.10 -0.03
C PRO A 261 -23.67 11.94 0.58
N LEU A 262 -23.93 10.72 0.06
CA LEU A 262 -23.36 9.48 0.58
C LEU A 262 -22.42 8.80 -0.41
N GLY A 263 -22.10 9.46 -1.53
CA GLY A 263 -21.22 8.83 -2.51
C GLY A 263 -19.89 8.35 -1.92
N GLY A 264 -19.40 9.01 -0.89
CA GLY A 264 -18.13 8.63 -0.31
C GLY A 264 -18.21 7.62 0.84
N ALA A 265 -19.42 7.13 1.13
CA ALA A 265 -19.67 6.23 2.24
C ALA A 265 -19.82 4.81 1.69
N VAL A 266 -18.94 3.91 2.14
CA VAL A 266 -19.02 2.52 1.70
C VAL A 266 -20.33 1.89 2.20
N LEU A 267 -20.89 2.39 3.30
CA LEU A 267 -22.14 1.82 3.79
C LEU A 267 -23.36 2.25 2.98
N ARG A 268 -23.21 3.22 2.07
CA ARG A 268 -24.28 3.68 1.17
C ARG A 268 -25.06 2.49 0.61
N ALA A 269 -26.40 2.62 0.60
CA ALA A 269 -27.25 1.61 -0.03
C ALA A 269 -26.96 1.53 -1.52
N THR A 270 -26.97 0.32 -2.06
CA THR A 270 -26.72 0.08 -3.47
C THR A 270 -27.98 0.32 -4.28
N SER A 271 -27.82 0.85 -5.50
CA SER A 271 -28.95 0.93 -6.43
C SER A 271 -29.78 -0.35 -6.46
N PRO A 272 -31.10 -0.28 -6.25
CA PRO A 272 -31.95 -1.49 -6.39
C PRO A 272 -31.86 -2.13 -7.76
N MET A 273 -31.62 -1.34 -8.80
CA MET A 273 -31.42 -1.90 -10.12
C MET A 273 -30.24 -2.86 -10.14
N HIS A 274 -29.11 -2.44 -9.52
CA HIS A 274 -27.93 -3.30 -9.52
C HIS A 274 -28.13 -4.50 -8.60
N MET A 275 -28.78 -4.31 -7.46
CA MET A 275 -29.08 -5.45 -6.59
C MET A 275 -29.92 -6.49 -7.31
N GLN A 276 -30.90 -6.06 -8.11
N GLN A 276 -30.90 -6.06 -8.12
CA GLN A 276 -31.70 -6.99 -8.89
CA GLN A 276 -31.69 -7.02 -8.87
C GLN A 276 -30.85 -7.76 -9.89
C GLN A 276 -30.84 -7.77 -9.90
N TYR A 277 -30.01 -7.04 -10.64
CA TYR A 277 -29.06 -7.65 -11.56
C TYR A 277 -28.24 -8.74 -10.88
N LEU A 278 -27.67 -8.43 -9.71
CA LEU A 278 -26.84 -9.40 -8.98
C LEU A 278 -27.65 -10.60 -8.51
N ARG A 279 -28.85 -10.37 -7.97
CA ARG A 279 -29.70 -11.49 -7.58
C ARG A 279 -29.98 -12.40 -8.77
N ASN A 280 -30.27 -11.81 -9.93
CA ASN A 280 -30.61 -12.61 -11.10
C ASN A 280 -29.45 -13.47 -11.53
N MET A 281 -28.23 -13.03 -11.26
CA MET A 281 -27.03 -13.79 -11.56
C MET A 281 -26.69 -14.81 -10.48
N GLY A 282 -27.43 -14.84 -9.37
CA GLY A 282 -27.08 -15.73 -8.27
C GLY A 282 -25.98 -15.23 -7.37
N VAL A 283 -25.81 -13.92 -7.25
CA VAL A 283 -24.70 -13.35 -6.47
C VAL A 283 -25.28 -12.85 -5.16
N GLY A 284 -24.71 -13.32 -4.04
CA GLY A 284 -25.18 -12.87 -2.72
C GLY A 284 -24.38 -11.72 -2.15
N SER A 285 -23.17 -11.50 -2.67
CA SER A 285 -22.26 -10.48 -2.15
C SER A 285 -21.37 -10.03 -3.30
N SER A 286 -21.13 -8.72 -3.39
CA SER A 286 -20.41 -8.13 -4.51
C SER A 286 -19.50 -7.03 -3.98
N LEU A 287 -18.33 -6.87 -4.60
CA LEU A 287 -17.38 -5.84 -4.17
C LEU A 287 -16.51 -5.47 -5.38
N SER A 288 -16.22 -4.18 -5.58
CA SER A 288 -15.23 -3.86 -6.60
C SER A 288 -14.37 -2.68 -6.19
N VAL A 289 -13.17 -2.67 -6.75
CA VAL A 289 -12.12 -1.68 -6.52
C VAL A 289 -11.79 -1.09 -7.87
N SER A 290 -11.81 0.24 -7.97
CA SER A 290 -11.49 0.94 -9.21
C SER A 290 -10.00 0.85 -9.51
N VAL A 291 -9.68 0.66 -10.79
CA VAL A 291 -8.32 0.83 -11.30
C VAL A 291 -8.31 2.11 -12.13
N VAL A 292 -7.62 3.15 -11.65
CA VAL A 292 -7.65 4.47 -12.27
C VAL A 292 -6.28 4.76 -12.86
N VAL A 293 -6.26 5.16 -14.13
CA VAL A 293 -5.04 5.37 -14.89
C VAL A 293 -5.20 6.67 -15.65
N GLY A 294 -4.26 7.59 -15.46
CA GLY A 294 -4.35 8.85 -16.18
C GLY A 294 -5.63 9.60 -15.93
N GLY A 295 -6.19 9.51 -14.71
CA GLY A 295 -7.43 10.19 -14.36
C GLY A 295 -8.68 9.56 -14.91
N GLN A 296 -8.52 8.41 -15.55
CA GLN A 296 -9.68 7.74 -16.16
C GLN A 296 -9.88 6.34 -15.57
N LEU A 297 -11.14 5.93 -15.44
CA LEU A 297 -11.47 4.61 -14.94
C LEU A 297 -11.06 3.59 -15.98
N TRP A 298 -9.91 2.94 -15.76
CA TRP A 298 -9.40 1.93 -16.67
C TRP A 298 -10.14 0.60 -16.52
N GLY A 299 -10.47 0.21 -15.30
CA GLY A 299 -11.16 -1.05 -15.11
C GLY A 299 -11.49 -1.26 -13.65
N LEU A 300 -11.91 -2.48 -13.31
CA LEU A 300 -12.32 -2.81 -11.95
C LEU A 300 -11.77 -4.16 -11.55
N ILE A 301 -11.34 -4.27 -10.30
CA ILE A 301 -11.25 -5.58 -9.66
C ILE A 301 -12.66 -5.87 -9.17
N ALA A 302 -13.32 -6.87 -9.75
CA ALA A 302 -14.72 -7.13 -9.48
C ALA A 302 -14.84 -8.52 -8.86
N CYS A 303 -15.53 -8.59 -7.71
CA CYS A 303 -15.61 -9.81 -6.91
C CYS A 303 -17.06 -10.18 -6.65
N HIS A 304 -17.33 -11.49 -6.63
CA HIS A 304 -18.64 -12.08 -6.36
C HIS A 304 -18.52 -13.17 -5.30
N HIS A 305 -19.57 -13.31 -4.49
CA HIS A 305 -19.74 -14.46 -3.61
C HIS A 305 -21.19 -14.92 -3.75
N GLN A 306 -21.39 -16.24 -3.73
CA GLN A 306 -22.75 -16.77 -3.88
C GLN A 306 -23.59 -16.54 -2.63
N THR A 307 -22.99 -16.58 -1.46
N THR A 307 -22.98 -16.56 -1.45
CA THR A 307 -23.77 -16.27 -0.27
CA THR A 307 -23.59 -16.35 -0.14
C THR A 307 -23.40 -14.88 0.22
C THR A 307 -23.34 -14.91 0.30
N PRO A 308 -24.25 -14.27 1.06
CA PRO A 308 -23.88 -12.99 1.68
C PRO A 308 -22.55 -13.12 2.39
N TYR A 309 -21.81 -12.03 2.46
CA TYR A 309 -20.40 -12.09 2.86
C TYR A 309 -19.95 -10.69 3.21
N VAL A 310 -19.51 -10.49 4.45
CA VAL A 310 -19.04 -9.18 4.94
C VAL A 310 -17.52 -9.27 5.06
N LEU A 311 -16.80 -8.53 4.22
N LEU A 311 -16.81 -8.55 4.20
CA LEU A 311 -15.35 -8.42 4.35
CA LEU A 311 -15.36 -8.42 4.37
C LEU A 311 -15.03 -7.34 5.38
C LEU A 311 -15.07 -7.35 5.41
N PRO A 312 -14.28 -7.65 6.44
CA PRO A 312 -14.03 -6.66 7.50
C PRO A 312 -13.18 -5.52 6.97
N PRO A 313 -13.20 -4.37 7.66
CA PRO A 313 -12.60 -3.16 7.06
C PRO A 313 -11.09 -3.24 6.90
N ASP A 314 -10.38 -3.94 7.78
CA ASP A 314 -8.93 -4.00 7.63
C ASP A 314 -8.55 -4.91 6.46
N LEU A 315 -9.36 -5.91 6.15
N LEU A 315 -9.34 -5.93 6.18
CA LEU A 315 -9.09 -6.70 4.96
CA LEU A 315 -9.11 -6.70 4.97
C LEU A 315 -9.42 -5.90 3.69
C LEU A 315 -9.38 -5.86 3.73
N ARG A 316 -10.46 -5.08 3.74
CA ARG A 316 -10.77 -4.23 2.59
C ARG A 316 -9.65 -3.23 2.33
N THR A 317 -8.98 -2.75 3.39
CA THR A 317 -7.86 -1.81 3.20
C THR A 317 -6.76 -2.43 2.35
N THR A 318 -6.47 -3.72 2.55
CA THR A 318 -5.49 -4.39 1.70
C THR A 318 -5.90 -4.35 0.23
N LEU A 319 -7.20 -4.52 -0.05
CA LEU A 319 -7.66 -4.41 -1.42
C LEU A 319 -7.52 -2.99 -1.94
N GLU A 320 -7.79 -1.99 -1.09
CA GLU A 320 -7.61 -0.60 -1.52
C GLU A 320 -6.15 -0.33 -1.90
N TYR A 321 -5.20 -0.86 -1.10
N TYR A 321 -5.23 -0.80 -1.05
CA TYR A 321 -3.79 -0.69 -1.45
CA TYR A 321 -3.81 -0.82 -1.36
C TYR A 321 -3.46 -1.38 -2.77
C TYR A 321 -3.55 -1.36 -2.76
N LEU A 322 -3.97 -2.61 -2.97
CA LEU A 322 -3.72 -3.33 -4.22
C LEU A 322 -4.30 -2.59 -5.42
N GLY A 323 -5.43 -1.92 -5.22
CA GLY A 323 -5.98 -1.08 -6.27
C GLY A 323 -5.01 0.00 -6.72
N ARG A 324 -4.30 0.61 -5.76
CA ARG A 324 -3.31 1.63 -6.13
C ARG A 324 -2.11 1.00 -6.80
N LEU A 325 -1.59 -0.10 -6.25
CA LEU A 325 -0.45 -0.77 -6.88
C LEU A 325 -0.78 -1.18 -8.30
N LEU A 326 -1.98 -1.72 -8.51
CA LEU A 326 -2.40 -2.17 -9.83
C LEU A 326 -2.51 -1.01 -10.81
N SER A 327 -2.98 0.16 -10.34
CA SER A 327 -3.02 1.34 -11.21
C SER A 327 -1.62 1.72 -11.68
N LEU A 328 -0.64 1.69 -10.77
CA LEU A 328 0.74 1.96 -11.14
C LEU A 328 1.24 0.93 -12.15
N GLN A 329 1.00 -0.35 -11.86
CA GLN A 329 1.63 -1.41 -12.67
C GLN A 329 0.97 -1.55 -14.03
N VAL A 330 -0.34 -1.29 -14.13
CA VAL A 330 -0.99 -1.28 -15.44
C VAL A 330 -0.38 -0.19 -16.31
N GLN A 331 -0.14 0.99 -15.73
CA GLN A 331 0.54 2.05 -16.46
C GLN A 331 1.90 1.58 -16.96
N VAL A 332 2.67 0.93 -16.07
CA VAL A 332 4.02 0.51 -16.43
C VAL A 332 4.01 -0.59 -17.49
N LYS A 333 3.08 -1.53 -17.37
CA LYS A 333 3.05 -2.64 -18.32
C LYS A 333 2.61 -2.17 -19.70
N GLU A 334 1.66 -1.23 -19.76
CA GLU A 334 1.18 -0.75 -21.05
C GLU A 334 2.23 0.11 -21.78
N ALA A 335 3.13 0.74 -21.03
CA ALA A 335 4.21 1.50 -21.66
C ALA A 335 5.23 0.58 -22.33
N LEU A 336 5.42 -0.63 -21.81
CA LEU A 336 6.25 -1.62 -22.48
C LEU A 336 5.56 -2.23 -23.69
N GLU A 337 4.23 -2.16 -23.75
CA GLU A 337 3.49 -2.77 -24.85
C GLU A 337 3.65 -2.00 -26.16
N HIS A 338 3.95 -0.72 -26.04
CA HIS A 338 4.13 0.13 -27.24
C HIS A 338 5.48 -0.21 -27.87
N PRO B 21 33.74 0.72 -16.66
CA PRO B 21 33.33 -0.50 -15.94
C PRO B 21 33.60 -0.36 -14.45
N PHE B 22 33.67 -1.48 -13.73
CA PHE B 22 33.93 -1.46 -12.30
C PHE B 22 35.36 -1.91 -12.01
N PHE B 23 35.93 -1.35 -10.95
CA PHE B 23 37.22 -1.85 -10.48
C PHE B 23 36.94 -3.10 -9.66
N PRO B 24 37.89 -4.03 -9.52
CA PRO B 24 37.73 -5.14 -8.59
C PRO B 24 37.46 -4.61 -7.19
N PRO B 25 36.72 -5.35 -6.38
CA PRO B 25 36.59 -4.96 -4.98
C PRO B 25 37.93 -5.08 -4.26
N LEU B 26 37.97 -4.57 -3.04
CA LEU B 26 39.27 -4.54 -2.30
C LEU B 26 39.75 -5.97 -2.04
N TYR B 27 38.88 -6.84 -1.52
CA TYR B 27 39.32 -8.19 -1.16
C TYR B 27 39.82 -9.00 -2.35
N LEU B 28 39.77 -8.47 -3.57
CA LEU B 28 40.33 -9.12 -4.74
C LEU B 28 41.46 -8.29 -5.35
N GLY B 29 42.18 -7.55 -4.51
CA GLY B 29 43.29 -6.74 -4.97
C GLY B 29 42.93 -5.57 -5.86
N GLY B 30 41.83 -4.90 -5.56
CA GLY B 30 41.43 -3.72 -6.33
C GLY B 30 41.89 -2.45 -5.64
N PRO B 31 41.95 -1.36 -6.41
CA PRO B 31 42.50 -0.12 -5.86
C PRO B 31 41.59 0.51 -4.81
N GLU B 32 42.15 1.43 -4.04
CA GLU B 32 41.34 2.15 -3.02
C GLU B 32 40.49 3.20 -3.71
N ILE B 33 39.31 3.48 -3.17
CA ILE B 33 38.38 4.43 -3.83
C ILE B 33 38.75 5.85 -3.40
N THR B 34 38.76 6.77 -4.36
CA THR B 34 39.09 8.18 -4.07
C THR B 34 38.01 9.06 -4.68
N THR B 35 38.11 10.37 -4.47
CA THR B 35 37.13 11.32 -5.04
C THR B 35 37.28 11.34 -6.57
N GLU B 36 38.33 10.72 -7.09
CA GLU B 36 38.58 10.79 -8.56
C GLU B 36 37.95 9.62 -9.28
N ASN B 37 37.80 8.48 -8.60
CA ASN B 37 37.25 7.31 -9.25
C ASN B 37 35.96 6.82 -8.57
N CYS B 38 35.15 7.76 -8.11
CA CYS B 38 33.90 7.42 -7.38
C CYS B 38 32.99 6.50 -8.18
N GLU B 39 32.52 6.97 -9.32
CA GLU B 39 31.50 6.26 -10.14
C GLU B 39 31.87 4.84 -10.40
N ARG B 40 33.14 4.44 -10.08
CA ARG B 40 33.69 3.09 -10.45
C ARG B 40 33.71 2.05 -9.31
N GLU B 41 33.42 2.44 -8.07
CA GLU B 41 33.38 1.50 -6.91
C GLU B 41 32.31 0.43 -7.10
N PRO B 42 32.62 -0.88 -6.98
CA PRO B 42 31.63 -1.94 -7.13
C PRO B 42 30.81 -2.05 -5.84
N ILE B 43 29.87 -1.13 -5.64
CA ILE B 43 29.15 -1.07 -4.36
C ILE B 43 28.30 -2.32 -4.14
N HIS B 44 27.92 -3.02 -5.21
CA HIS B 44 27.05 -4.18 -5.08
C HIS B 44 27.75 -5.44 -4.59
N ILE B 45 29.09 -5.50 -4.61
CA ILE B 45 29.77 -6.72 -4.18
C ILE B 45 30.76 -6.47 -3.06
N PRO B 46 30.36 -5.88 -1.92
CA PRO B 46 31.35 -5.59 -0.87
C PRO B 46 31.81 -6.80 -0.10
N GLY B 47 31.19 -7.97 -0.29
CA GLY B 47 31.66 -9.13 0.45
C GLY B 47 31.36 -9.11 1.93
N SER B 48 30.43 -8.26 2.37
CA SER B 48 30.19 -8.09 3.79
C SER B 48 28.82 -7.45 3.99
N ILE B 49 28.32 -7.51 5.23
CA ILE B 49 27.00 -7.01 5.58
C ILE B 49 27.08 -6.17 6.85
N GLN B 50 25.98 -5.52 7.17
CA GLN B 50 25.87 -4.76 8.40
C GLN B 50 25.55 -5.67 9.57
N PRO B 51 25.97 -5.30 10.79
CA PRO B 51 25.94 -6.25 11.91
C PRO B 51 24.62 -6.38 12.66
N HIS B 52 23.55 -5.73 12.23
CA HIS B 52 22.27 -5.89 12.91
C HIS B 52 21.44 -7.04 12.33
N GLY B 53 21.99 -7.80 11.39
CA GLY B 53 21.33 -8.98 10.89
C GLY B 53 22.36 -10.02 10.50
N ALA B 54 21.87 -11.14 9.97
CA ALA B 54 22.73 -12.22 9.50
C ALA B 54 22.32 -12.62 8.07
N LEU B 55 23.30 -13.03 7.28
CA LEU B 55 23.03 -13.40 5.90
C LEU B 55 23.63 -14.76 5.58
N LEU B 56 22.83 -15.61 4.93
CA LEU B 56 23.25 -16.89 4.37
C LEU B 56 23.00 -16.87 2.87
N THR B 57 23.88 -17.52 2.12
CA THR B 57 23.57 -17.83 0.73
C THR B 57 23.44 -19.35 0.62
N ALA B 58 22.74 -19.79 -0.42
CA ALA B 58 22.43 -21.21 -0.54
C ALA B 58 22.18 -21.57 -2.00
N ASP B 59 22.38 -22.85 -2.31
CA ASP B 59 22.14 -23.34 -3.69
C ASP B 59 20.64 -23.41 -3.95
N GLY B 60 20.19 -22.94 -5.11
CA GLY B 60 18.76 -22.87 -5.42
C GLY B 60 18.11 -24.24 -5.55
N HIS B 61 18.89 -25.26 -5.88
CA HIS B 61 18.34 -26.62 -6.05
C HIS B 61 18.54 -27.44 -4.79
N SER B 62 19.78 -27.61 -4.35
CA SER B 62 20.05 -28.50 -3.23
C SER B 62 19.70 -27.90 -1.88
N GLY B 63 19.69 -26.56 -1.75
CA GLY B 63 19.41 -25.92 -0.46
C GLY B 63 20.65 -25.94 0.41
N GLU B 64 21.78 -26.30 -0.19
CA GLU B 64 23.04 -26.31 0.58
C GLU B 64 23.55 -24.91 0.90
N VAL B 65 23.76 -24.66 2.19
CA VAL B 65 24.30 -23.38 2.63
C VAL B 65 25.74 -23.25 2.16
N LEU B 66 26.01 -22.26 1.32
CA LEU B 66 27.34 -22.05 0.76
C LEU B 66 28.15 -20.98 1.49
N GLN B 67 27.55 -19.83 1.80
CA GLN B 67 28.26 -18.77 2.53
C GLN B 67 27.43 -18.35 3.74
N MET B 68 28.13 -17.80 4.74
CA MET B 68 27.44 -17.25 5.88
C MET B 68 28.23 -16.07 6.42
N SER B 69 27.51 -15.11 6.97
CA SER B 69 28.16 -14.00 7.65
C SER B 69 28.78 -14.50 8.95
N LEU B 70 30.00 -14.05 9.25
CA LEU B 70 30.71 -14.54 10.42
C LEU B 70 29.94 -14.33 11.72
N ASN B 71 28.88 -13.53 11.72
CA ASN B 71 28.09 -13.32 12.93
C ASN B 71 26.85 -14.21 13.01
N ALA B 72 26.68 -15.17 12.08
CA ALA B 72 25.45 -15.95 12.02
C ALA B 72 25.13 -16.68 13.32
N ALA B 73 26.16 -17.08 14.09
CA ALA B 73 25.92 -17.81 15.33
C ALA B 73 25.12 -16.99 16.33
N THR B 74 25.26 -15.67 16.29
CA THR B 74 24.50 -14.82 17.20
C THR B 74 23.01 -14.88 16.92
N PHE B 75 22.62 -14.72 15.66
CA PHE B 75 21.19 -14.65 15.34
C PHE B 75 20.58 -16.03 15.26
N LEU B 76 21.27 -16.96 14.61
CA LEU B 76 20.68 -18.30 14.41
C LEU B 76 20.87 -19.14 15.68
N GLY B 77 21.74 -18.69 16.59
CA GLY B 77 21.95 -19.40 17.86
C GLY B 77 22.41 -20.84 17.67
N GLN B 78 23.15 -21.12 16.61
CA GLN B 78 23.57 -22.52 16.32
C GLN B 78 25.08 -22.57 16.10
N GLU B 79 25.75 -23.57 16.70
CA GLU B 79 27.22 -23.71 16.56
C GLU B 79 27.60 -23.25 15.15
N PRO B 80 28.59 -22.35 14.99
CA PRO B 80 28.90 -21.77 13.68
C PRO B 80 29.26 -22.79 12.61
N THR B 81 29.85 -23.90 13.02
CA THR B 81 30.35 -24.87 12.02
C THR B 81 29.23 -25.79 11.55
N VAL B 82 28.07 -25.84 12.24
CA VAL B 82 26.96 -26.80 11.90
C VAL B 82 26.27 -26.39 10.62
N LEU B 83 26.43 -25.13 10.23
CA LEU B 83 25.47 -24.68 9.23
C LEU B 83 25.98 -24.93 7.83
N ARG B 84 27.31 -24.96 7.63
CA ARG B 84 27.85 -24.97 6.29
C ARG B 84 27.48 -26.24 5.53
N GLY B 85 27.24 -27.34 6.23
CA GLY B 85 26.87 -28.57 5.56
C GLY B 85 25.38 -28.69 5.33
N GLN B 86 24.59 -28.23 6.29
CA GLN B 86 23.16 -28.47 6.31
C GLN B 86 22.45 -27.86 5.09
N THR B 87 21.25 -28.36 4.84
CA THR B 87 20.39 -27.81 3.81
C THR B 87 19.27 -26.98 4.45
N LEU B 88 18.75 -26.04 3.65
CA LEU B 88 17.58 -25.28 4.05
C LEU B 88 16.40 -26.18 4.36
N ALA B 89 16.24 -27.27 3.60
CA ALA B 89 15.18 -28.24 3.89
C ALA B 89 15.27 -28.74 5.33
N ALA B 90 16.49 -28.92 5.83
CA ALA B 90 16.66 -29.29 7.23
C ALA B 90 16.44 -28.09 8.16
N LEU B 91 17.07 -26.95 7.85
CA LEU B 91 17.03 -25.80 8.75
C LEU B 91 15.65 -25.15 8.78
N LEU B 92 14.98 -25.05 7.63
CA LEU B 92 13.70 -24.37 7.52
C LEU B 92 12.71 -25.32 6.83
N PRO B 93 12.16 -26.29 7.57
CA PRO B 93 11.31 -27.29 6.91
C PRO B 93 10.07 -26.69 6.28
N GLU B 94 9.34 -25.85 7.02
CA GLU B 94 8.08 -25.31 6.51
C GLU B 94 8.29 -24.30 5.38
N GLN B 95 9.42 -23.57 5.38
CA GLN B 95 9.58 -22.48 4.44
C GLN B 95 10.26 -22.91 3.14
N TRP B 96 11.11 -23.93 3.18
CA TRP B 96 11.85 -24.32 1.97
C TRP B 96 10.94 -24.64 0.77
N PRO B 97 9.77 -25.29 0.93
CA PRO B 97 8.89 -25.44 -0.25
C PRO B 97 8.36 -24.11 -0.77
N ALA B 98 7.90 -23.23 0.12
CA ALA B 98 7.38 -21.93 -0.30
C ALA B 98 8.44 -21.15 -1.08
N LEU B 99 9.67 -21.10 -0.55
CA LEU B 99 10.76 -20.44 -1.27
C LEU B 99 10.89 -20.97 -2.69
N GLN B 100 10.81 -22.30 -2.86
N GLN B 100 10.80 -22.29 -2.86
CA GLN B 100 10.97 -22.88 -4.19
CA GLN B 100 10.97 -22.87 -4.19
C GLN B 100 9.87 -22.39 -5.13
C GLN B 100 9.86 -22.42 -5.13
N ALA B 101 8.64 -22.27 -4.61
CA ALA B 101 7.53 -21.83 -5.44
C ALA B 101 7.59 -20.32 -5.66
N ALA B 102 7.92 -19.56 -4.61
CA ALA B 102 7.88 -18.10 -4.70
C ALA B 102 9.01 -17.54 -5.55
N LEU B 103 10.18 -18.16 -5.52
CA LEU B 103 11.37 -17.68 -6.24
C LEU B 103 11.83 -18.77 -7.22
N PRO B 104 11.09 -18.97 -8.31
CA PRO B 104 11.47 -20.00 -9.27
C PRO B 104 12.69 -19.58 -10.06
N PRO B 105 13.39 -20.54 -10.68
CA PRO B 105 14.55 -20.19 -11.51
C PRO B 105 14.18 -19.22 -12.61
N GLY B 106 15.09 -18.30 -12.91
CA GLY B 106 14.84 -17.30 -13.92
C GLY B 106 14.05 -16.10 -13.46
N CYS B 107 13.55 -16.10 -12.22
CA CYS B 107 12.86 -14.91 -11.73
C CYS B 107 13.86 -13.76 -11.60
N PRO B 108 13.38 -12.51 -11.55
CA PRO B 108 14.29 -11.38 -11.37
C PRO B 108 14.88 -11.35 -9.97
N ASP B 109 16.03 -10.68 -9.86
CA ASP B 109 16.64 -10.50 -8.54
C ASP B 109 15.90 -9.46 -7.71
N ALA B 110 14.99 -8.70 -8.31
CA ALA B 110 14.19 -7.74 -7.54
C ALA B 110 13.04 -8.40 -6.78
N LEU B 111 12.63 -9.60 -7.19
CA LEU B 111 11.52 -10.29 -6.52
C LEU B 111 11.95 -10.83 -5.16
N GLN B 112 11.19 -10.49 -4.12
CA GLN B 112 11.54 -10.90 -2.76
C GLN B 112 10.38 -11.66 -2.15
N TYR B 113 10.70 -12.60 -1.26
CA TYR B 113 9.72 -13.31 -0.44
C TYR B 113 10.08 -13.14 1.04
N ARG B 114 9.08 -12.87 1.87
CA ARG B 114 9.33 -12.65 3.29
C ARG B 114 8.46 -13.57 4.14
N ALA B 115 9.02 -14.03 5.27
CA ALA B 115 8.28 -14.74 6.31
C ALA B 115 8.83 -14.36 7.69
N THR B 116 8.02 -14.60 8.72
CA THR B 116 8.43 -14.44 10.12
C THR B 116 8.68 -15.82 10.73
N LEU B 117 9.81 -16.00 11.40
CA LEU B 117 10.18 -17.29 11.99
C LEU B 117 10.12 -17.24 13.50
N ASP B 118 9.73 -18.39 14.09
CA ASP B 118 9.77 -18.61 15.54
C ASP B 118 10.96 -19.51 15.85
N TRP B 119 12.14 -18.90 15.98
CA TRP B 119 13.43 -19.55 16.21
C TRP B 119 13.62 -19.90 17.70
N PRO B 120 14.31 -20.99 18.12
CA PRO B 120 14.37 -21.33 19.56
C PRO B 120 15.11 -20.34 20.47
N ALA B 121 16.18 -19.71 19.99
CA ALA B 121 17.01 -18.80 20.77
C ALA B 121 16.65 -17.32 20.55
N ALA B 122 16.59 -16.89 19.30
CA ALA B 122 16.43 -15.48 18.98
C ALA B 122 14.97 -15.03 18.92
N GLY B 123 14.02 -15.90 19.19
CA GLY B 123 12.63 -15.49 19.18
C GLY B 123 12.16 -15.25 17.75
N HIS B 124 11.46 -14.13 17.54
CA HIS B 124 10.90 -13.81 16.23
C HIS B 124 12.00 -13.26 15.32
N LEU B 125 12.18 -13.90 14.17
CA LEU B 125 13.08 -13.39 13.14
C LEU B 125 12.29 -13.13 11.87
N SER B 126 12.59 -12.01 11.22
CA SER B 126 12.12 -11.73 9.88
C SER B 126 13.08 -12.35 8.87
N LEU B 127 12.55 -13.09 7.90
CA LEU B 127 13.35 -13.74 6.87
C LEU B 127 12.98 -13.17 5.51
N THR B 128 13.98 -12.65 4.79
CA THR B 128 13.78 -12.08 3.47
C THR B 128 14.71 -12.79 2.49
N VAL B 129 14.16 -13.29 1.39
CA VAL B 129 14.86 -14.12 0.44
C VAL B 129 14.68 -13.54 -0.94
N HIS B 130 15.74 -13.58 -1.75
CA HIS B 130 15.62 -13.36 -3.18
C HIS B 130 16.60 -14.28 -3.88
N ARG B 131 16.57 -14.26 -5.21
CA ARG B 131 17.34 -15.18 -6.04
C ARG B 131 18.18 -14.38 -7.03
N VAL B 132 19.47 -14.65 -7.07
CA VAL B 132 20.35 -14.18 -8.13
C VAL B 132 20.91 -15.42 -8.80
N GLY B 133 20.61 -15.62 -10.09
CA GLY B 133 21.00 -16.82 -10.82
C GLY B 133 20.70 -18.10 -10.06
N GLU B 134 21.73 -18.88 -9.73
CA GLU B 134 21.53 -20.15 -9.05
C GLU B 134 21.64 -20.05 -7.54
N LEU B 135 21.68 -18.84 -6.99
CA LEU B 135 21.94 -18.62 -5.58
C LEU B 135 20.71 -18.00 -4.93
N LEU B 136 20.38 -18.46 -3.73
CA LEU B 136 19.36 -17.85 -2.89
C LEU B 136 20.03 -17.08 -1.76
N ILE B 137 19.68 -15.81 -1.61
CA ILE B 137 20.25 -14.97 -0.58
C ILE B 137 19.21 -14.80 0.51
N LEU B 138 19.57 -15.18 1.73
CA LEU B 138 18.66 -15.21 2.86
C LEU B 138 19.15 -14.24 3.92
N GLU B 139 18.27 -13.34 4.34
CA GLU B 139 18.58 -12.30 5.31
C GLU B 139 17.73 -12.50 6.56
N PHE B 140 18.36 -12.48 7.72
CA PHE B 140 17.66 -12.67 8.99
C PHE B 140 17.81 -11.41 9.83
N GLU B 141 16.70 -10.90 10.34
CA GLU B 141 16.66 -9.71 11.19
C GLU B 141 15.68 -9.95 12.32
N PRO B 142 15.97 -9.45 13.51
CA PRO B 142 14.95 -9.44 14.58
C PRO B 142 13.71 -8.67 14.16
N THR B 143 12.60 -8.98 14.82
CA THR B 143 11.33 -8.33 14.50
C THR B 143 10.38 -8.49 15.69
N GLU B 144 9.27 -7.76 15.64
CA GLU B 144 8.29 -7.78 16.72
C GLU B 144 7.32 -8.95 16.54
N ALA B 145 6.30 -8.99 17.40
CA ALA B 145 5.28 -10.05 17.50
C ALA B 145 4.99 -10.78 16.20
N PRO B 151 -1.18 1.31 12.94
CA PRO B 151 -2.25 0.41 12.49
C PRO B 151 -3.06 0.98 11.31
N HIS B 152 -3.56 2.22 11.47
CA HIS B 152 -4.29 2.93 10.43
C HIS B 152 -3.48 4.06 9.82
N ALA B 153 -2.26 4.29 10.31
CA ALA B 153 -1.48 5.43 9.85
C ALA B 153 -1.18 5.31 8.36
N LEU B 154 -0.99 4.10 7.86
CA LEU B 154 -0.74 3.95 6.43
C LEU B 154 -1.96 4.32 5.59
N ARG B 155 -3.16 3.82 5.95
CA ARG B 155 -4.35 4.15 5.19
C ARG B 155 -4.65 5.64 5.26
N ASN B 156 -4.50 6.23 6.44
CA ASN B 156 -4.71 7.67 6.59
C ASN B 156 -3.71 8.46 5.74
N ALA B 157 -2.45 8.00 5.71
CA ALA B 157 -1.43 8.64 4.87
C ALA B 157 -1.76 8.52 3.38
N MET B 158 -2.22 7.34 2.95
CA MET B 158 -2.53 7.15 1.54
C MET B 158 -3.59 8.15 1.07
N PHE B 159 -4.68 8.29 1.83
CA PHE B 159 -5.70 9.27 1.45
C PHE B 159 -5.15 10.68 1.54
N ALA B 160 -4.32 10.96 2.54
CA ALA B 160 -3.73 12.29 2.64
C ALA B 160 -2.90 12.62 1.39
N LEU B 161 -2.08 11.66 0.92
CA LEU B 161 -1.27 11.91 -0.26
C LEU B 161 -2.14 12.19 -1.47
N GLU B 162 -3.23 11.45 -1.62
CA GLU B 162 -4.04 11.59 -2.82
C GLU B 162 -4.80 12.92 -2.86
N SER B 163 -5.14 13.48 -1.70
CA SER B 163 -5.88 14.73 -1.69
C SER B 163 -4.98 15.97 -1.66
N ALA B 164 -3.66 15.79 -1.57
CA ALA B 164 -2.74 16.92 -1.70
C ALA B 164 -3.02 17.64 -3.02
N PRO B 165 -3.17 18.96 -3.03
CA PRO B 165 -3.62 19.65 -4.25
C PRO B 165 -2.56 19.83 -5.33
N ASN B 166 -1.27 19.76 -5.00
CA ASN B 166 -0.25 20.02 -6.00
C ASN B 166 1.04 19.33 -5.55
N LEU B 167 2.05 19.36 -6.41
CA LEU B 167 3.30 18.66 -6.13
C LEU B 167 3.96 19.19 -4.86
N ARG B 168 3.99 20.50 -4.67
CA ARG B 168 4.60 21.06 -3.48
C ARG B 168 3.93 20.54 -2.21
N ALA B 169 2.59 20.59 -2.16
CA ALA B 169 1.90 20.08 -0.97
C ALA B 169 2.05 18.57 -0.83
N LEU B 170 2.09 17.85 -1.95
CA LEU B 170 2.31 16.41 -1.90
C LEU B 170 3.67 16.11 -1.27
N ALA B 171 4.69 16.86 -1.65
CA ALA B 171 6.02 16.68 -1.07
C ALA B 171 6.00 16.93 0.43
N GLU B 172 5.29 17.97 0.88
CA GLU B 172 5.28 18.27 2.31
C GLU B 172 4.58 17.17 3.09
N VAL B 173 3.41 16.73 2.62
CA VAL B 173 2.66 15.67 3.30
C VAL B 173 3.50 14.40 3.40
N ALA B 174 4.21 14.05 2.32
CA ALA B 174 4.98 12.82 2.32
C ALA B 174 6.08 12.85 3.38
N THR B 175 6.81 13.96 3.47
CA THR B 175 7.95 13.96 4.41
C THR B 175 7.45 14.00 5.86
N GLN B 176 6.41 14.79 6.12
CA GLN B 176 5.77 14.82 7.44
C GLN B 176 5.24 13.46 7.83
N THR B 177 4.59 12.78 6.88
CA THR B 177 4.03 11.47 7.16
C THR B 177 5.11 10.47 7.54
N VAL B 178 6.21 10.46 6.78
CA VAL B 178 7.30 9.52 7.06
C VAL B 178 7.93 9.84 8.41
N ARG B 179 8.12 11.13 8.69
CA ARG B 179 8.71 11.47 9.99
C ARG B 179 7.81 10.97 11.12
N GLU B 180 6.50 11.17 10.99
CA GLU B 180 5.56 10.73 12.03
C GLU B 180 5.55 9.21 12.18
N LEU B 181 5.69 8.48 11.08
CA LEU B 181 5.72 7.01 11.18
C LEU B 181 7.02 6.51 11.80
N THR B 182 8.14 7.17 11.51
CA THR B 182 9.45 6.61 11.83
C THR B 182 10.15 7.26 13.01
N GLY B 183 9.82 8.50 13.35
CA GLY B 183 10.61 9.20 14.33
C GLY B 183 11.96 9.69 13.85
N PHE B 184 12.26 9.56 12.55
CA PHE B 184 13.54 10.00 12.02
C PHE B 184 13.75 11.49 12.29
N ASP B 185 14.98 11.85 12.68
CA ASP B 185 15.31 13.26 12.96
C ASP B 185 15.11 14.15 11.74
N ARG B 186 15.40 13.63 10.56
CA ARG B 186 15.21 14.41 9.32
C ARG B 186 14.68 13.54 8.19
N VAL B 187 13.66 14.03 7.48
CA VAL B 187 13.13 13.35 6.31
C VAL B 187 13.04 14.38 5.19
N MET B 188 13.59 14.04 4.05
CA MET B 188 13.71 14.96 2.93
C MET B 188 13.08 14.31 1.71
N LEU B 189 12.53 15.13 0.82
CA LEU B 189 12.24 14.69 -0.54
C LEU B 189 13.30 15.31 -1.45
N TYR B 190 14.10 14.46 -2.06
CA TYR B 190 15.31 14.82 -2.80
C TYR B 190 15.05 14.52 -4.27
N LYS B 191 14.98 15.57 -5.08
CA LYS B 191 14.56 15.44 -6.47
C LYS B 191 15.75 15.61 -7.41
N PHE B 192 15.88 14.74 -8.40
CA PHE B 192 16.98 14.83 -9.37
C PHE B 192 16.60 15.76 -10.52
N ALA B 193 17.52 16.64 -10.89
CA ALA B 193 17.41 17.46 -12.08
C ALA B 193 17.77 16.61 -13.30
N PRO B 194 17.55 17.11 -14.51
CA PRO B 194 17.85 16.28 -15.69
C PRO B 194 19.30 15.89 -15.81
N ASP B 195 20.22 16.59 -15.17
CA ASP B 195 21.62 16.21 -15.17
C ASP B 195 22.02 15.52 -13.88
N ALA B 196 21.04 15.04 -13.11
CA ALA B 196 21.24 14.29 -11.87
C ALA B 196 21.76 15.15 -10.73
N THR B 197 21.73 16.47 -10.87
CA THR B 197 21.89 17.37 -9.73
C THR B 197 20.70 17.19 -8.79
N GLY B 198 20.97 17.13 -7.50
CA GLY B 198 19.92 16.94 -6.52
C GLY B 198 19.44 18.22 -5.86
N GLU B 199 18.15 18.24 -5.49
CA GLU B 199 17.57 19.38 -4.81
C GLU B 199 16.63 18.90 -3.71
N VAL B 200 16.77 19.47 -2.52
CA VAL B 200 15.86 19.18 -1.42
C VAL B 200 14.63 20.06 -1.61
N ILE B 201 13.51 19.46 -2.02
CA ILE B 201 12.30 20.23 -2.31
C ILE B 201 11.30 20.22 -1.16
N ALA B 202 11.51 19.38 -0.14
CA ALA B 202 10.67 19.41 1.04
C ALA B 202 11.43 18.72 2.15
N GLU B 203 11.10 19.07 3.39
CA GLU B 203 11.90 18.61 4.50
C GLU B 203 11.06 18.67 5.76
N ALA B 204 11.10 17.60 6.54
CA ALA B 204 10.50 17.56 7.87
C ALA B 204 11.61 17.19 8.82
N ARG B 205 11.76 17.98 9.87
CA ARG B 205 12.92 17.74 10.75
C ARG B 205 12.66 18.14 12.20
N ARG B 206 13.38 17.50 13.10
CA ARG B 206 13.37 17.87 14.50
C ARG B 206 13.90 19.29 14.68
N GLU B 207 13.34 20.01 15.67
CA GLU B 207 13.88 21.32 16.04
C GLU B 207 15.37 21.25 16.35
N GLY B 208 16.12 22.24 15.90
CA GLY B 208 17.55 22.26 16.20
C GLY B 208 18.43 21.50 15.24
N LEU B 209 17.98 21.27 14.03
CA LEU B 209 18.82 20.70 12.99
C LEU B 209 19.01 21.77 11.92
N HIS B 210 20.14 21.71 11.20
CA HIS B 210 20.30 22.52 9.99
C HIS B 210 19.16 22.22 9.01
N ALA B 211 18.63 23.27 8.38
CA ALA B 211 17.67 23.08 7.30
C ALA B 211 18.44 22.89 6.00
N PHE B 212 18.14 21.79 5.29
CA PHE B 212 18.69 21.59 3.95
C PHE B 212 17.71 21.98 2.87
N LEU B 213 16.48 22.36 3.25
CA LEU B 213 15.46 22.75 2.28
C LEU B 213 16.01 23.79 1.31
N GLY B 214 15.76 23.58 0.01
CA GLY B 214 16.20 24.52 -1.00
C GLY B 214 17.62 24.34 -1.51
N HIS B 215 18.44 23.53 -0.84
CA HIS B 215 19.83 23.39 -1.23
C HIS B 215 19.98 22.38 -2.35
N ARG B 216 21.06 22.54 -3.12
CA ARG B 216 21.33 21.75 -4.31
C ARG B 216 22.68 21.08 -4.19
N PHE B 217 22.80 19.89 -4.76
CA PHE B 217 23.99 19.08 -4.55
C PHE B 217 24.47 18.45 -5.85
N PRO B 218 25.79 18.33 -6.04
CA PRO B 218 26.32 17.80 -7.30
C PRO B 218 25.88 16.38 -7.55
N ALA B 219 25.80 16.03 -8.84
CA ALA B 219 25.40 14.70 -9.24
C ALA B 219 26.29 13.62 -8.65
N SER B 220 27.59 13.91 -8.49
CA SER B 220 28.53 12.90 -8.01
C SER B 220 28.35 12.51 -6.55
N ASP B 221 27.54 13.25 -5.78
CA ASP B 221 27.24 12.80 -4.41
C ASP B 221 26.46 11.50 -4.41
N ILE B 222 25.71 11.21 -5.47
CA ILE B 222 25.05 9.92 -5.65
C ILE B 222 25.48 9.42 -7.03
N PRO B 223 26.59 8.67 -7.11
CA PRO B 223 27.21 8.42 -8.42
C PRO B 223 26.36 7.51 -9.29
N ALA B 224 26.69 7.51 -10.59
CA ALA B 224 25.83 6.89 -11.59
C ALA B 224 25.54 5.41 -11.30
N GLN B 225 26.48 4.68 -10.69
CA GLN B 225 26.24 3.26 -10.46
C GLN B 225 25.33 3.03 -9.25
N ALA B 226 25.37 3.93 -8.28
CA ALA B 226 24.35 3.88 -7.24
C ALA B 226 22.96 4.22 -7.81
N ARG B 227 22.88 5.24 -8.67
CA ARG B 227 21.59 5.64 -9.23
C ARG B 227 20.97 4.50 -10.05
N ALA B 228 21.80 3.79 -10.80
CA ALA B 228 21.30 2.65 -11.56
C ALA B 228 20.79 1.59 -10.61
N LEU B 229 21.58 1.24 -9.60
CA LEU B 229 21.17 0.23 -8.63
C LEU B 229 19.86 0.64 -7.94
N TYR B 230 19.72 1.93 -7.62
CA TYR B 230 18.56 2.47 -6.92
C TYR B 230 17.31 2.51 -7.79
N THR B 231 17.44 2.33 -9.10
CA THR B 231 16.26 2.26 -9.96
C THR B 231 15.63 0.88 -9.95
N ARG B 232 16.35 -0.11 -9.45
CA ARG B 232 15.96 -1.51 -9.48
C ARG B 232 15.65 -2.05 -8.09
N HIS B 233 16.45 -1.68 -7.10
CA HIS B 233 16.18 -2.04 -5.71
C HIS B 233 15.93 -0.75 -4.96
N LEU B 234 14.74 -0.64 -4.36
CA LEU B 234 14.15 0.65 -4.05
C LEU B 234 14.35 1.08 -2.60
N LEU B 235 15.04 0.29 -1.77
CA LEU B 235 15.29 0.68 -0.38
C LEU B 235 16.71 0.28 0.02
N ARG B 236 17.41 1.20 0.69
CA ARG B 236 18.77 0.92 1.21
C ARG B 236 18.95 1.73 2.49
N LEU B 237 19.88 1.31 3.35
CA LEU B 237 20.05 1.99 4.63
C LEU B 237 21.45 1.73 5.17
N THR B 238 21.84 2.55 6.14
CA THR B 238 23.02 2.32 6.97
C THR B 238 22.53 2.54 8.38
N ALA B 239 22.40 1.46 9.16
CA ALA B 239 21.76 1.59 10.46
C ALA B 239 22.68 2.29 11.47
N ASP B 240 23.98 2.20 11.25
CA ASP B 240 24.93 2.80 12.20
C ASP B 240 26.16 3.16 11.38
N THR B 241 26.43 4.45 11.27
CA THR B 241 27.50 4.93 10.39
C THR B 241 28.88 4.74 10.99
N ARG B 242 28.97 4.14 12.19
CA ARG B 242 30.24 3.84 12.83
C ARG B 242 30.45 2.33 13.04
N ALA B 243 29.53 1.49 12.57
CA ALA B 243 29.65 0.05 12.79
C ALA B 243 30.51 -0.58 11.70
N ALA B 244 31.30 -1.56 12.11
CA ALA B 244 32.16 -2.29 11.18
C ALA B 244 31.34 -3.33 10.43
N ALA B 245 31.66 -3.53 9.16
CA ALA B 245 31.00 -4.55 8.36
C ALA B 245 31.42 -5.95 8.82
N VAL B 246 30.59 -6.93 8.51
CA VAL B 246 30.80 -8.33 8.87
C VAL B 246 31.04 -9.12 7.59
N PRO B 247 32.18 -9.79 7.44
CA PRO B 247 32.47 -10.46 6.16
C PRO B 247 31.62 -11.71 5.94
N LEU B 248 31.44 -11.97 4.67
CA LEU B 248 30.69 -13.19 4.34
C LEU B 248 31.72 -14.31 4.35
N ASP B 249 31.29 -15.52 4.75
CA ASP B 249 32.15 -16.73 4.68
C ASP B 249 32.61 -16.84 3.24
N PRO B 250 33.38 -17.84 2.81
CA PRO B 250 33.96 -17.83 1.49
C PRO B 250 33.59 -16.48 0.86
N VAL B 251 34.34 -15.41 1.16
CA VAL B 251 34.06 -14.10 0.55
C VAL B 251 33.53 -14.40 -0.85
N LEU B 252 34.06 -15.44 -1.48
CA LEU B 252 33.65 -15.70 -2.84
C LEU B 252 32.61 -16.81 -2.90
N ASN B 253 31.75 -16.73 -3.92
CA ASN B 253 30.71 -17.73 -4.12
C ASN B 253 31.33 -19.04 -4.58
N PRO B 254 31.23 -20.13 -3.80
CA PRO B 254 31.80 -21.41 -4.26
C PRO B 254 31.33 -21.83 -5.65
N GLN B 255 30.07 -21.53 -5.99
CA GLN B 255 29.53 -21.91 -7.29
C GLN B 255 30.36 -21.34 -8.42
N THR B 256 30.76 -20.08 -8.31
CA THR B 256 31.36 -19.38 -9.43
C THR B 256 32.79 -18.96 -9.16
N ASN B 257 33.28 -19.12 -7.93
CA ASN B 257 34.55 -18.56 -7.51
C ASN B 257 34.60 -17.06 -7.89
N ALA B 258 33.51 -16.36 -7.60
CA ALA B 258 33.31 -14.97 -7.96
C ALA B 258 32.56 -14.28 -6.83
N PRO B 259 32.57 -12.94 -6.81
CA PRO B 259 31.87 -12.23 -5.72
C PRO B 259 30.37 -12.46 -5.75
N THR B 260 29.77 -12.55 -4.57
CA THR B 260 28.33 -12.71 -4.45
C THR B 260 27.61 -11.39 -4.69
N PRO B 261 26.69 -11.30 -5.65
CA PRO B 261 25.96 -10.04 -5.86
C PRO B 261 25.04 -9.76 -4.67
N LEU B 262 25.21 -8.58 -4.07
CA LEU B 262 24.47 -8.23 -2.86
C LEU B 262 23.62 -6.97 -3.02
N GLY B 263 23.47 -6.47 -4.25
CA GLY B 263 22.73 -5.24 -4.46
C GLY B 263 21.26 -5.32 -4.12
N GLY B 264 20.69 -6.53 -4.02
CA GLY B 264 19.32 -6.68 -3.59
C GLY B 264 19.17 -7.01 -2.13
N ALA B 265 20.26 -7.05 -1.39
CA ALA B 265 20.22 -7.30 0.05
C ALA B 265 20.28 -5.96 0.76
N VAL B 266 19.24 -5.66 1.56
CA VAL B 266 19.25 -4.45 2.37
C VAL B 266 20.37 -4.51 3.40
N LEU B 267 20.78 -5.72 3.83
CA LEU B 267 21.87 -5.88 4.79
C LEU B 267 23.24 -5.63 4.18
N ARG B 268 23.33 -5.49 2.85
CA ARG B 268 24.60 -5.21 2.19
C ARG B 268 25.35 -4.08 2.90
N ALA B 269 26.67 -4.24 3.03
CA ALA B 269 27.49 -3.15 3.58
C ALA B 269 27.44 -1.91 2.68
N THR B 270 27.40 -0.75 3.32
CA THR B 270 27.41 0.52 2.60
C THR B 270 28.82 0.90 2.17
N SER B 271 28.91 1.55 1.02
CA SER B 271 30.18 2.09 0.56
C SER B 271 30.86 2.91 1.67
N PRO B 272 32.12 2.63 1.98
CA PRO B 272 32.85 3.45 2.97
C PRO B 272 32.88 4.92 2.61
N MET B 273 32.96 5.25 1.32
CA MET B 273 32.90 6.64 0.91
C MET B 273 31.63 7.31 1.41
N HIS B 274 30.48 6.68 1.22
CA HIS B 274 29.23 7.28 1.69
C HIS B 274 29.17 7.29 3.21
N MET B 275 29.73 6.28 3.86
CA MET B 275 29.71 6.26 5.32
C MET B 275 30.53 7.41 5.89
N GLN B 276 31.68 7.74 5.25
CA GLN B 276 32.47 8.91 5.66
C GLN B 276 31.68 10.18 5.47
N TYR B 277 30.99 10.30 4.33
CA TYR B 277 30.17 11.47 4.04
C TYR B 277 29.10 11.66 5.10
N LEU B 278 28.46 10.56 5.53
CA LEU B 278 27.40 10.68 6.53
C LEU B 278 27.97 11.12 7.88
N ARG B 279 29.10 10.55 8.28
CA ARG B 279 29.72 10.92 9.55
C ARG B 279 30.12 12.40 9.55
N ASN B 280 30.70 12.90 8.45
CA ASN B 280 31.04 14.32 8.36
C ASN B 280 29.83 15.22 8.46
N MET B 281 28.65 14.68 8.19
CA MET B 281 27.38 15.44 8.27
C MET B 281 26.76 15.27 9.67
N GLY B 282 27.41 14.50 10.55
CA GLY B 282 26.90 14.26 11.89
C GLY B 282 25.69 13.35 11.90
N VAL B 283 25.65 12.36 11.01
CA VAL B 283 24.49 11.49 10.83
C VAL B 283 24.86 10.12 11.35
N GLY B 284 24.07 9.60 12.28
CA GLY B 284 24.33 8.26 12.82
C GLY B 284 23.60 7.14 12.10
N SER B 285 22.56 7.47 11.33
CA SER B 285 21.77 6.45 10.66
C SER B 285 21.11 7.07 9.43
N SER B 286 21.05 6.32 8.34
CA SER B 286 20.55 6.86 7.07
C SER B 286 19.67 5.82 6.38
N LEU B 287 18.62 6.27 5.70
CA LEU B 287 17.74 5.38 4.95
C LEU B 287 17.13 6.19 3.81
N SER B 288 17.02 5.58 2.63
CA SER B 288 16.28 6.23 1.55
C SER B 288 15.47 5.21 0.77
N VAL B 289 14.42 5.72 0.15
CA VAL B 289 13.48 4.95 -0.66
C VAL B 289 13.40 5.63 -2.03
N SER B 290 13.53 4.85 -3.11
CA SER B 290 13.48 5.43 -4.44
C SER B 290 12.06 5.76 -4.85
N VAL B 291 11.91 6.90 -5.52
CA VAL B 291 10.69 7.28 -6.20
C VAL B 291 10.99 7.13 -7.69
N VAL B 292 10.30 6.22 -8.35
CA VAL B 292 10.62 5.82 -9.73
C VAL B 292 9.41 6.15 -10.57
N VAL B 293 9.61 6.94 -11.62
CA VAL B 293 8.51 7.45 -12.45
C VAL B 293 8.91 7.20 -13.90
N GLY B 294 8.06 6.48 -14.64
CA GLY B 294 8.35 6.16 -16.02
C GLY B 294 9.66 5.43 -16.23
N GLY B 295 9.98 4.50 -15.34
CA GLY B 295 11.24 3.78 -15.41
C GLY B 295 12.48 4.57 -15.03
N GLN B 296 12.35 5.83 -14.63
CA GLN B 296 13.50 6.63 -14.24
C GLN B 296 13.42 7.04 -12.78
N LEU B 297 14.59 7.17 -12.18
CA LEU B 297 14.75 7.59 -10.80
C LEU B 297 14.41 9.07 -10.71
N TRP B 298 13.19 9.37 -10.26
CA TRP B 298 12.71 10.76 -10.11
C TRP B 298 13.29 11.44 -8.86
N GLY B 299 13.42 10.69 -7.77
CA GLY B 299 13.92 11.26 -6.53
C GLY B 299 13.97 10.22 -5.43
N LEU B 300 14.28 10.68 -4.22
CA LEU B 300 14.42 9.81 -3.07
C LEU B 300 13.66 10.38 -1.88
N ILE B 301 13.04 9.51 -1.10
CA ILE B 301 12.69 9.88 0.27
C ILE B 301 13.93 9.57 1.08
N ALA B 302 14.59 10.60 1.61
CA ALA B 302 15.90 10.41 2.21
C ALA B 302 15.80 10.76 3.69
N CYS B 303 16.22 9.83 4.56
CA CYS B 303 16.05 9.98 6.01
C CYS B 303 17.39 10.00 6.72
N HIS B 304 17.48 10.80 7.79
CA HIS B 304 18.66 10.86 8.65
C HIS B 304 18.22 10.69 10.10
N HIS B 305 19.06 10.02 10.88
CA HIS B 305 18.95 10.03 12.33
C HIS B 305 20.31 10.41 12.94
N GLN B 306 20.30 11.17 14.04
CA GLN B 306 21.58 11.58 14.63
C GLN B 306 22.28 10.43 15.33
N THR B 307 21.54 9.49 15.89
CA THR B 307 22.11 8.34 16.56
C THR B 307 21.86 7.09 15.74
N PRO B 308 22.53 5.99 16.06
CA PRO B 308 22.25 4.74 15.34
C PRO B 308 20.80 4.32 15.56
N TYR B 309 20.23 3.66 14.55
CA TYR B 309 18.78 3.39 14.57
C TYR B 309 18.49 2.30 13.57
N VAL B 310 18.06 1.14 14.05
CA VAL B 310 17.70 0.01 13.20
C VAL B 310 16.17 0.02 13.08
N LEU B 311 15.66 0.46 11.95
CA LEU B 311 14.22 0.46 11.74
C LEU B 311 13.75 -0.99 11.54
N PRO B 312 12.77 -1.46 12.30
CA PRO B 312 12.38 -2.89 12.20
C PRO B 312 11.76 -3.21 10.84
N PRO B 313 11.84 -4.46 10.40
CA PRO B 313 11.42 -4.79 9.03
C PRO B 313 9.98 -4.42 8.69
N ASP B 314 9.05 -4.54 9.64
CA ASP B 314 7.65 -4.27 9.30
C ASP B 314 7.41 -2.79 9.07
N LEU B 315 8.14 -1.93 9.78
N LEU B 315 8.14 -1.92 9.79
CA LEU B 315 8.03 -0.50 9.54
CA LEU B 315 8.03 -0.50 9.55
C LEU B 315 8.69 -0.10 8.23
C LEU B 315 8.67 -0.11 8.22
N ARG B 316 9.75 -0.80 7.82
CA ARG B 316 10.35 -0.55 6.52
C ARG B 316 9.36 -0.87 5.40
N THR B 317 8.55 -1.92 5.59
CA THR B 317 7.56 -2.29 4.57
C THR B 317 6.57 -1.16 4.33
N THR B 318 6.13 -0.49 5.41
CA THR B 318 5.29 0.68 5.24
C THR B 318 5.94 1.76 4.38
N LEU B 319 7.24 2.01 4.60
CA LEU B 319 7.94 2.97 3.74
C LEU B 319 8.02 2.48 2.31
N GLU B 320 8.23 1.17 2.11
CA GLU B 320 8.23 0.61 0.76
C GLU B 320 6.89 0.83 0.07
N TYR B 321 5.77 0.68 0.80
N TYR B 321 5.77 0.62 0.76
CA TYR B 321 4.44 0.95 0.23
CA TYR B 321 4.50 0.99 0.14
C TYR B 321 4.27 2.42 -0.13
C TYR B 321 4.53 2.45 -0.24
N LEU B 322 4.74 3.32 0.76
CA LEU B 322 4.68 4.75 0.51
C LEU B 322 5.49 5.15 -0.70
N GLY B 323 6.62 4.48 -0.91
CA GLY B 323 7.40 4.69 -2.11
C GLY B 323 6.61 4.48 -3.39
N ARG B 324 5.90 3.33 -3.49
CA ARG B 324 5.05 3.07 -4.64
C ARG B 324 3.93 4.09 -4.76
N LEU B 325 3.30 4.44 -3.64
CA LEU B 325 2.18 5.40 -3.66
C LEU B 325 2.68 6.76 -4.14
N LEU B 326 3.85 7.17 -3.66
CA LEU B 326 4.40 8.46 -4.06
C LEU B 326 4.76 8.46 -5.54
N SER B 327 5.24 7.32 -6.04
CA SER B 327 5.55 7.21 -7.47
C SER B 327 4.30 7.43 -8.31
N LEU B 328 3.17 6.87 -7.88
CA LEU B 328 1.91 7.08 -8.57
C LEU B 328 1.49 8.55 -8.48
N GLN B 329 1.49 9.12 -7.28
CA GLN B 329 0.97 10.46 -7.09
C GLN B 329 1.84 11.53 -7.76
N VAL B 330 3.15 11.31 -7.86
CA VAL B 330 4.02 12.27 -8.56
C VAL B 330 3.60 12.37 -10.03
N GLN B 331 3.38 11.23 -10.70
CA GLN B 331 2.86 11.27 -12.07
C GLN B 331 1.54 12.02 -12.15
N VAL B 332 0.58 11.65 -11.31
CA VAL B 332 -0.73 12.28 -11.32
C VAL B 332 -0.58 13.80 -11.21
N LYS B 333 0.26 14.25 -10.27
CA LYS B 333 0.40 15.66 -9.99
C LYS B 333 1.14 16.37 -11.11
N GLU B 334 2.20 15.77 -11.63
CA GLU B 334 2.94 16.40 -12.71
C GLU B 334 2.14 16.46 -14.01
N ALA B 335 1.08 15.65 -14.13
CA ALA B 335 0.18 15.78 -15.26
C ALA B 335 -0.73 17.01 -15.12
N LEU B 336 -0.98 17.45 -13.88
CA LEU B 336 -1.70 18.70 -13.67
C LEU B 336 -0.80 19.91 -13.91
N GLU B 337 0.41 19.88 -13.36
CA GLU B 337 1.38 20.95 -13.61
C GLU B 337 1.58 21.15 -15.10
N HIS B 338 1.84 20.07 -15.82
CA HIS B 338 2.07 20.13 -17.27
C HIS B 338 0.87 19.56 -18.04
C1A LBV C . -27.77 -2.87 -15.50
C1B LBV C . -26.15 -0.15 -12.30
O1B LBV C . -22.85 1.68 -6.85
C1C LBV C . -22.23 -2.25 -11.34
O1C LBV C . -19.04 -4.08 -8.03
C1D LBV C . -21.21 -6.14 -13.81
C2A LBV C . -28.82 -1.96 -16.08
C2B LBV C . -25.95 0.82 -11.27
O2B LBV C . -24.99 1.74 -6.19
C2C LBV C . -20.99 -2.68 -10.85
O2C LBV C . -21.15 -4.68 -7.53
C2D LBV C . -21.07 -6.92 -15.05
C3A LBV C . -28.84 -0.84 -15.05
C3B LBV C . -24.77 0.55 -10.66
C3C LBV C . -20.58 -3.75 -11.68
C3D LBV C . -20.59 -8.15 -14.74
C4A LBV C . -27.67 -0.98 -14.19
C4B LBV C . -24.20 -0.62 -11.26
C4C LBV C . -21.59 -3.95 -12.63
C4D LBV C . -20.43 -8.19 -13.26
CAA LBV C . -29.49 0.32 -15.12
CAB LBV C . -24.21 1.33 -9.50
CAC LBV C . -20.19 -2.10 -9.72
CAD LBV C . -20.28 -9.27 -15.63
CBA LBV C . -30.96 0.52 -15.33
CBB LBV C . -24.52 0.58 -8.19
CBC LBV C . -20.66 -2.45 -8.29
CBD LBV C . -19.90 -10.50 -15.31
CGB LBV C . -24.06 1.40 -6.96
CGC LBV C . -20.26 -3.87 -7.90
CHB LBV C . -27.30 -0.15 -13.14
CHC LBV C . -23.02 -1.18 -10.87
CHD LBV C . -21.70 -4.89 -13.70
CMA LBV C . -30.11 -2.77 -16.20
CMB LBV C . -26.88 1.95 -10.94
CMC LBV C . -19.29 -4.51 -11.54
CMD LBV C . -21.41 -6.37 -16.41
N_A LBV C . -27.17 -2.23 -14.43
O_A LBV C . -27.46 -3.98 -15.85
N_B LBV C . -25.08 -1.00 -12.28
N_C LBV C . -22.57 -3.05 -12.42
N_D LBV C . -20.83 -6.95 -12.76
O_D LBV C . -20.03 -9.09 -12.57
C1A LBV D . 30.11 11.69 -2.27
C1B LBV D . 28.33 7.52 -2.73
O1B LBV D . 24.33 2.43 -1.47
C1C LBV D . 24.09 8.32 -1.29
O1C LBV D . 20.19 7.15 1.59
C1D LBV D . 23.10 12.76 0.10
C2A LBV D . 31.35 11.45 -3.12
C2B LBV D . 28.11 6.11 -2.87
O2B LBV D . 26.28 1.69 -0.64
C2C LBV D . 22.75 8.31 -0.86
O2C LBV D . 22.04 6.92 2.74
C2D LBV D . 23.11 14.22 -0.07
C3A LBV D . 31.21 10.01 -3.53
C3B LBV D . 26.80 5.87 -2.53
C3C LBV D . 22.36 9.64 -0.60
C3D LBV D . 22.47 14.78 0.97
C4A LBV D . 29.93 9.49 -2.99
C4B LBV D . 26.19 7.10 -2.14
C4C LBV D . 23.50 10.44 -0.86
C4D LBV D . 22.04 13.69 1.87
CAA LBV D . 31.92 9.37 -4.46
CAB LBV D . 26.08 4.57 -2.51
CAC LBV D . 21.87 7.10 -0.78
CAD LBV D . 22.25 16.19 1.20
CBA LBV D . 33.39 9.05 -4.45
CBB LBV D . 26.12 3.98 -1.10
CBC LBV D . 22.11 6.22 0.45
CBD LBV D . 21.81 16.75 2.33
CGB LBV D . 25.51 2.57 -1.07
CGC LBV D . 21.39 6.81 1.70
CHB LBV D . 29.56 8.17 -3.00
CHC LBV D . 24.89 7.22 -1.69
CHD LBV D . 23.66 11.86 -0.76
CMA LBV D . 32.56 11.72 -2.24
CMB LBV D . 29.13 5.12 -3.34
CMC LBV D . 21.00 10.08 -0.15
CMD LBV D . 23.74 14.88 -1.26
N_A LBV D . 29.36 10.52 -2.25
O_A LBV D . 29.83 12.70 -1.69
N_B LBV D . 27.18 8.07 -2.29
N_C LBV D . 24.53 9.64 -1.27
N_D LBV D . 22.44 12.50 1.29
O_D LBV D . 21.45 13.75 2.92
#